data_4KS0
#
_entry.id   4KS0
#
_cell.length_a   173.767
_cell.length_b   173.767
_cell.length_c   211.855
_cell.angle_alpha   90.00
_cell.angle_beta   90.00
_cell.angle_gamma   90.00
#
_symmetry.space_group_name_H-M   'I 41 2 2'
#
loop_
_entity.id
_entity.type
_entity.pdbx_description
1 polymer 'Pyruvate kinase'
2 non-polymer 'MAGNESIUM ION'
3 non-polymer 'POTASSIUM ION'
4 non-polymer 'OXALATE ION'
5 non-polymer 2,6-di-O-phosphono-beta-D-fructofuranose
6 water water
#
_entity_poly.entity_id   1
_entity_poly.type   'polypeptide(L)'
_entity_poly.pdbx_seq_one_letter_code
;MGSSHHHHHHSSGLVPRGSHMSQLAHNVNLSIFEPISHHRANRIVCTIGPSTQSVEALKGLIRSGMSVARMNFSHGSHEY
HQTTINNLRAAATELGAHIGLALDTKGPEIRTGLFKDGGIALAPGDTVLVTSDPAFEKIGTKEKFYIEYPRLSITVRPGG
FIYIDDGVLSLKVLSKEDEYTLKCYVNNAHFLTDRKGCNLPGCEVDLPAVSEKDREDLKFGVEQGIDMVFASFIRTAEQV
QEVREALGEKGKDILIISKIENHQGVQNIDGIIEASDGIMVARGDLGVEIPAEKVVVAQMILISKCNVAGKPVICATQML
ESMTTNPRPTRAEVSDVANAVFNGADCVMLSGETAKGKYPNEVVQYMARICLEAQSATNQAVMFNSIKKMQKLPMSPEEA
VCSSAVNSVYEVRAKALLVLSNSGRSARLASKYRPDCPIICATTRMRTCRQLTITRSVDAVFYDAERYGEDENKEKRVQL
GVDCAKKKGYVVPGDLMVVVHADHKVKGYPNQTRIIYVS
;
_entity_poly.pdbx_strand_id   A,B
#
# COMPACT_ATOMS: atom_id res chain seq x y z
N MET A 21 7.84 -2.69 -15.35
CA MET A 21 8.62 -2.58 -16.61
C MET A 21 9.94 -1.83 -16.38
N SER A 22 11.03 -2.33 -17.00
CA SER A 22 12.28 -1.56 -17.11
C SER A 22 12.08 -0.29 -17.95
N GLN A 23 13.05 0.64 -17.89
CA GLN A 23 13.02 1.79 -18.79
C GLN A 23 13.00 1.33 -20.25
N LEU A 24 13.80 0.30 -20.54
CA LEU A 24 13.91 -0.21 -21.88
C LEU A 24 12.59 -0.72 -22.39
N ALA A 25 11.92 -1.55 -21.59
CA ALA A 25 10.66 -2.15 -22.03
C ALA A 25 9.60 -1.07 -22.17
N HIS A 26 9.57 -0.13 -21.23
CA HIS A 26 8.70 0.99 -21.29
C HIS A 26 8.85 1.72 -22.59
N ASN A 27 10.10 2.04 -22.96
CA ASN A 27 10.31 2.88 -24.14
C ASN A 27 9.83 2.16 -25.39
N VAL A 28 10.08 0.89 -25.46
CA VAL A 28 9.69 0.10 -26.61
C VAL A 28 8.18 0.19 -26.88
N ASN A 29 7.38 0.38 -25.82
CA ASN A 29 5.91 0.37 -25.94
C ASN A 29 5.22 1.73 -25.93
N LEU A 30 5.98 2.82 -25.88
CA LEU A 30 5.38 4.14 -25.99
C LEU A 30 4.53 4.26 -27.25
N SER A 31 3.30 4.73 -27.11
CA SER A 31 2.55 5.20 -28.27
C SER A 31 3.04 6.59 -28.63
N ILE A 32 2.90 6.97 -29.88
CA ILE A 32 3.34 8.26 -30.27
C ILE A 32 2.20 8.99 -30.94
N PHE A 33 1.24 8.24 -31.46
CA PHE A 33 0.16 8.81 -32.26
C PHE A 33 -1.24 8.74 -31.61
N GLU A 34 -1.34 8.07 -30.47
CA GLU A 34 -2.53 8.18 -29.64
C GLU A 34 -2.51 9.50 -28.85
N PRO A 35 -3.69 10.06 -28.53
CA PRO A 35 -3.70 11.37 -27.87
C PRO A 35 -3.40 11.23 -26.36
N ILE A 36 -3.29 12.36 -25.68
CA ILE A 36 -2.74 12.38 -24.32
C ILE A 36 -3.63 13.17 -23.35
N SER A 37 -3.33 13.05 -22.04
CA SER A 37 -3.88 13.97 -21.02
C SER A 37 -3.51 15.40 -21.41
N HIS A 38 -4.38 16.36 -21.10
CA HIS A 38 -4.05 17.76 -21.41
C HIS A 38 -3.86 18.55 -20.16
N HIS A 39 -3.95 17.85 -19.02
CA HIS A 39 -3.73 18.44 -17.72
C HIS A 39 -2.26 18.47 -17.40
N ARG A 40 -1.60 19.56 -17.77
CA ARG A 40 -0.18 19.65 -17.66
C ARG A 40 0.28 19.75 -16.21
N ALA A 41 1.16 18.85 -15.79
CA ALA A 41 1.59 18.78 -14.38
C ALA A 41 2.75 19.74 -14.02
N ASN A 42 3.66 19.98 -14.96
CA ASN A 42 4.85 20.78 -14.68
C ASN A 42 4.62 22.28 -14.82
N ARG A 43 5.49 23.08 -14.23
CA ARG A 43 5.29 24.50 -14.14
C ARG A 43 6.40 25.27 -14.83
N ILE A 44 6.03 26.38 -15.44
CA ILE A 44 6.91 27.15 -16.29
C ILE A 44 7.19 28.48 -15.64
N VAL A 45 8.47 28.77 -15.36
CA VAL A 45 8.91 30.09 -14.86
C VAL A 45 9.34 31.01 -16.00
N CYS A 46 8.92 32.27 -15.97
CA CYS A 46 9.33 33.24 -17.01
C CYS A 46 10.05 34.44 -16.45
N THR A 47 11.14 34.81 -17.11
CA THR A 47 11.85 36.01 -16.74
C THR A 47 11.30 37.23 -17.49
N ILE A 48 10.96 38.29 -16.74
CA ILE A 48 10.34 39.49 -17.30
C ILE A 48 11.37 40.51 -17.76
N GLY A 49 11.17 41.07 -18.96
CA GLY A 49 12.07 42.10 -19.46
C GLY A 49 11.37 42.98 -20.47
N PRO A 50 12.16 43.72 -21.27
CA PRO A 50 11.64 44.60 -22.32
C PRO A 50 10.57 43.97 -23.20
N SER A 51 10.73 42.70 -23.57
CA SER A 51 9.72 42.03 -24.41
C SER A 51 8.41 41.74 -23.68
N THR A 52 8.44 41.72 -22.36
CA THR A 52 7.36 41.12 -21.59
C THR A 52 6.89 41.93 -20.39
N GLN A 53 7.29 43.19 -20.30
CA GLN A 53 6.94 43.96 -19.11
C GLN A 53 5.58 44.67 -19.20
N SER A 54 5.14 45.00 -20.40
CA SER A 54 3.82 45.63 -20.59
C SER A 54 2.74 44.72 -20.02
N VAL A 55 1.62 45.31 -19.59
CA VAL A 55 0.52 44.52 -19.01
C VAL A 55 -0.02 43.54 -20.04
N GLU A 56 -0.10 43.99 -21.29
CA GLU A 56 -0.68 43.20 -22.37
C GLU A 56 0.16 41.94 -22.64
N ALA A 57 1.48 42.09 -22.57
CA ALA A 57 2.39 40.97 -22.76
C ALA A 57 2.37 40.02 -21.57
N LEU A 58 2.28 40.58 -20.36
CA LEU A 58 2.14 39.75 -19.19
C LEU A 58 0.88 38.89 -19.25
N LYS A 59 -0.17 39.43 -19.84
CA LYS A 59 -1.38 38.64 -20.07
C LYS A 59 -1.16 37.48 -21.04
N GLY A 60 -0.47 37.76 -22.14
CA GLY A 60 -0.04 36.74 -23.08
C GLY A 60 0.80 35.66 -22.42
N LEU A 61 1.75 36.06 -21.58
CA LEU A 61 2.53 35.05 -20.85
C LEU A 61 1.59 34.17 -20.04
N ILE A 62 0.69 34.78 -19.28
CA ILE A 62 -0.21 34.01 -18.42
C ILE A 62 -1.01 33.04 -19.26
N ARG A 63 -1.66 33.57 -20.31
CA ARG A 63 -2.42 32.75 -21.27
C ARG A 63 -1.58 31.63 -21.87
N SER A 64 -0.35 31.93 -22.26
CA SER A 64 0.54 30.96 -22.90
C SER A 64 1.02 29.86 -21.94
N GLY A 65 0.94 30.12 -20.63
CA GLY A 65 1.19 29.08 -19.63
C GLY A 65 2.25 29.39 -18.58
N MET A 66 2.58 30.67 -18.38
CA MET A 66 3.47 31.06 -17.27
C MET A 66 2.78 30.83 -15.93
N SER A 67 3.51 30.32 -14.94
CA SER A 67 3.02 30.25 -13.54
C SER A 67 3.81 31.09 -12.56
N VAL A 68 5.02 31.50 -12.94
CA VAL A 68 5.88 32.27 -12.05
C VAL A 68 6.59 33.34 -12.84
N ALA A 69 6.59 34.56 -12.33
CA ALA A 69 7.34 35.62 -12.95
C ALA A 69 8.62 35.87 -12.18
N ARG A 70 9.75 35.86 -12.90
CA ARG A 70 11.06 36.05 -12.29
C ARG A 70 11.54 37.44 -12.58
N MET A 71 11.72 38.23 -11.52
CA MET A 71 12.42 39.49 -11.59
C MET A 71 13.91 39.27 -11.42
N ASN A 72 14.69 39.71 -12.40
CA ASN A 72 16.16 39.57 -12.33
C ASN A 72 16.82 40.83 -11.82
N PHE A 73 17.13 40.82 -10.53
CA PHE A 73 17.67 41.98 -9.88
C PHE A 73 19.15 42.19 -10.14
N SER A 74 19.71 41.41 -11.07
CA SER A 74 21.04 41.69 -11.56
C SER A 74 21.02 42.89 -12.50
N HIS A 75 19.81 43.35 -12.85
CA HIS A 75 19.63 44.51 -13.71
C HIS A 75 18.45 45.30 -13.24
N GLY A 76 18.55 46.63 -13.29
CA GLY A 76 17.38 47.49 -13.29
C GLY A 76 17.09 48.10 -11.94
N SER A 77 16.61 49.36 -11.94
CA SER A 77 16.28 50.05 -10.71
C SER A 77 15.13 49.39 -9.94
N HIS A 78 15.07 49.64 -8.64
CA HIS A 78 13.89 49.32 -7.86
C HIS A 78 12.66 49.77 -8.56
N GLU A 79 12.76 50.90 -9.25
CA GLU A 79 11.65 51.51 -9.95
C GLU A 79 11.24 50.70 -11.17
N TYR A 80 12.25 50.14 -11.88
CA TYR A 80 11.97 49.24 -13.01
C TYR A 80 11.17 48.02 -12.56
N HIS A 81 11.60 47.39 -11.47
CA HIS A 81 10.93 46.22 -11.00
C HIS A 81 9.56 46.51 -10.44
N GLN A 82 9.42 47.71 -9.87
CA GLN A 82 8.12 48.16 -9.41
C GLN A 82 7.11 48.10 -10.54
N THR A 83 7.51 48.56 -11.73
CA THR A 83 6.63 48.48 -12.88
C THR A 83 6.18 47.02 -13.10
N THR A 84 7.16 46.12 -13.18
CA THR A 84 6.87 44.69 -13.32
C THR A 84 5.87 44.23 -12.27
N ILE A 85 6.19 44.46 -10.99
CA ILE A 85 5.28 44.11 -9.92
C ILE A 85 3.85 44.62 -10.17
N ASN A 86 3.73 45.84 -10.68
CA ASN A 86 2.41 46.48 -10.89
C ASN A 86 1.65 45.87 -12.07
N ASN A 87 2.35 45.75 -13.19
CA ASN A 87 1.75 45.28 -14.42
C ASN A 87 1.30 43.84 -14.29
N LEU A 88 2.11 43.06 -13.58
CA LEU A 88 1.79 41.67 -13.33
C LEU A 88 0.50 41.57 -12.55
N ARG A 89 0.46 42.23 -11.39
CA ARG A 89 -0.70 42.17 -10.53
C ARG A 89 -1.96 42.65 -11.25
N ALA A 90 -1.78 43.61 -12.16
CA ALA A 90 -2.87 44.08 -13.04
C ALA A 90 -3.33 42.99 -14.00
N ALA A 91 -2.37 42.30 -14.63
CA ALA A 91 -2.67 41.23 -15.55
C ALA A 91 -3.31 40.04 -14.84
N ALA A 92 -2.67 39.61 -13.75
CA ALA A 92 -3.10 38.43 -13.04
C ALA A 92 -4.52 38.62 -12.46
N THR A 93 -4.79 39.79 -11.88
CA THR A 93 -6.13 40.06 -11.32
C THR A 93 -7.19 40.14 -12.42
N GLU A 94 -6.85 40.77 -13.55
CA GLU A 94 -7.73 40.81 -14.71
C GLU A 94 -8.13 39.41 -15.16
N LEU A 95 -7.17 38.49 -15.24
CA LEU A 95 -7.41 37.13 -15.77
C LEU A 95 -7.86 36.13 -14.69
N GLY A 96 -7.95 36.61 -13.44
CA GLY A 96 -8.14 35.76 -12.26
C GLY A 96 -7.02 34.73 -11.99
N ALA A 97 -5.80 35.02 -12.45
CA ALA A 97 -4.73 34.03 -12.38
C ALA A 97 -3.92 34.13 -11.06
N HIS A 98 -3.44 32.99 -10.57
CA HIS A 98 -2.44 32.95 -9.47
C HIS A 98 -1.08 32.79 -10.05
N ILE A 99 -0.20 33.74 -9.78
CA ILE A 99 1.12 33.74 -10.37
C ILE A 99 2.13 33.99 -9.28
N GLY A 100 3.02 33.02 -9.07
CA GLY A 100 4.16 33.21 -8.18
C GLY A 100 4.92 34.43 -8.60
N LEU A 101 5.32 35.26 -7.63
CA LEU A 101 6.23 36.37 -7.90
C LEU A 101 7.57 36.18 -7.22
N ALA A 102 8.63 36.13 -8.02
CA ALA A 102 9.94 35.70 -7.55
C ALA A 102 10.98 36.78 -7.71
N LEU A 103 11.84 36.92 -6.72
CA LEU A 103 12.91 37.92 -6.76
C LEU A 103 14.24 37.19 -6.79
N ASP A 104 14.93 37.31 -7.92
CA ASP A 104 16.21 36.62 -8.14
C ASP A 104 17.33 37.63 -7.87
N THR A 105 18.18 37.32 -6.88
CA THR A 105 19.13 38.28 -6.36
C THR A 105 20.31 38.48 -7.30
N LYS A 106 20.94 39.66 -7.23
CA LYS A 106 22.25 39.87 -7.85
C LYS A 106 23.30 38.92 -7.27
N GLY A 107 23.28 38.73 -5.96
CA GLY A 107 24.21 37.84 -5.29
C GLY A 107 25.65 38.37 -5.25
N PRO A 108 26.62 37.48 -4.98
CA PRO A 108 28.00 37.91 -5.09
C PRO A 108 28.46 37.90 -6.54
N GLU A 109 27.77 38.67 -7.38
CA GLU A 109 28.11 38.75 -8.80
C GLU A 109 29.45 39.45 -9.02
N ILE A 110 30.04 39.25 -10.19
CA ILE A 110 31.27 39.95 -10.57
C ILE A 110 31.18 40.48 -12.01
N ARG A 111 31.10 41.80 -12.15
CA ARG A 111 31.19 42.48 -13.45
C ARG A 111 32.48 43.35 -13.54
N THR A 112 32.64 44.08 -14.65
CA THR A 112 33.94 44.69 -14.98
C THR A 112 33.85 46.21 -15.18
N TYR A 146 40.03 46.54 -15.58
CA TYR A 146 39.69 46.43 -14.17
C TYR A 146 38.34 45.72 -13.92
N ILE A 147 38.33 44.82 -12.95
CA ILE A 147 37.12 44.04 -12.60
C ILE A 147 36.73 44.24 -11.12
N GLU A 148 35.45 44.10 -10.81
CA GLU A 148 34.94 44.42 -9.46
C GLU A 148 35.13 43.27 -8.45
N TYR A 149 36.33 43.18 -7.87
CA TYR A 149 36.63 42.15 -6.85
C TYR A 149 37.87 42.47 -5.99
N PRO A 150 37.65 43.07 -4.79
CA PRO A 150 38.73 43.50 -3.90
C PRO A 150 39.87 42.48 -3.81
N ARG A 151 39.57 41.29 -3.29
CA ARG A 151 40.59 40.33 -2.92
C ARG A 151 41.05 39.48 -4.10
N LEU A 152 40.99 40.05 -5.31
CA LEU A 152 41.27 39.33 -6.57
C LEU A 152 42.67 38.69 -6.64
N SER A 153 43.69 39.40 -6.13
CA SER A 153 45.08 38.97 -6.32
C SER A 153 45.58 37.95 -5.27
N ILE A 154 45.21 38.16 -3.99
CA ILE A 154 45.52 37.19 -2.94
C ILE A 154 44.53 36.00 -2.94
N THR A 155 43.81 35.85 -4.05
CA THR A 155 42.70 34.88 -4.14
C THR A 155 42.85 33.89 -5.32
N VAL A 156 43.46 34.35 -6.42
CA VAL A 156 43.59 33.52 -7.64
C VAL A 156 45.07 33.13 -7.94
N ARG A 157 45.28 31.83 -8.19
CA ARG A 157 46.64 31.28 -8.43
C ARG A 157 47.16 31.59 -9.84
N PRO A 158 48.50 31.73 -9.98
CA PRO A 158 49.15 31.66 -11.29
C PRO A 158 49.03 30.26 -11.93
N GLY A 159 48.16 30.14 -12.93
CA GLY A 159 47.89 28.86 -13.57
C GLY A 159 46.41 28.57 -13.72
N GLY A 160 45.59 29.18 -12.86
CA GLY A 160 44.14 28.99 -12.89
C GLY A 160 43.47 29.75 -14.01
N PHE A 161 42.14 29.82 -13.96
CA PHE A 161 41.34 30.34 -15.07
C PHE A 161 40.36 31.45 -14.64
N ILE A 162 40.19 32.46 -15.50
CA ILE A 162 39.20 33.50 -15.32
C ILE A 162 38.40 33.75 -16.60
N TYR A 163 37.31 32.99 -16.78
CA TYR A 163 36.45 33.15 -17.96
C TYR A 163 35.59 34.37 -17.80
N ILE A 164 35.27 35.00 -18.94
CA ILE A 164 34.50 36.23 -18.92
C ILE A 164 33.41 36.24 -20.00
N ASP A 165 32.33 36.96 -19.73
CA ASP A 165 31.22 37.14 -20.66
C ASP A 165 30.55 35.80 -21.01
N ASP A 166 29.96 35.17 -20.00
CA ASP A 166 29.15 33.96 -20.20
C ASP A 166 30.00 32.77 -20.62
N GLY A 167 31.29 32.83 -20.25
CA GLY A 167 32.17 31.69 -20.38
C GLY A 167 32.99 31.69 -21.66
N VAL A 168 32.69 32.64 -22.55
CA VAL A 168 33.28 32.66 -23.90
C VAL A 168 34.79 32.88 -23.87
N LEU A 169 35.22 33.91 -23.14
CA LEU A 169 36.62 34.34 -23.15
C LEU A 169 37.45 33.69 -22.04
N SER A 170 38.40 32.82 -22.43
CA SER A 170 39.32 32.15 -21.48
C SER A 170 40.58 32.97 -21.23
N LEU A 171 41.05 32.97 -19.97
CA LEU A 171 42.29 33.67 -19.59
C LEU A 171 43.06 32.89 -18.52
N LYS A 172 44.34 32.61 -18.78
CA LYS A 172 45.17 31.90 -17.82
C LYS A 172 46.08 32.86 -17.05
N VAL A 173 46.23 32.58 -15.75
CA VAL A 173 46.97 33.46 -14.85
C VAL A 173 48.46 33.10 -14.82
N LEU A 174 49.33 34.11 -14.89
CA LEU A 174 50.78 33.88 -14.94
C LEU A 174 51.45 34.19 -13.60
N SER A 175 51.26 35.42 -13.10
CA SER A 175 51.89 35.87 -11.85
C SER A 175 51.16 37.06 -11.23
N LYS A 176 51.58 37.45 -10.03
CA LYS A 176 51.00 38.59 -9.31
C LYS A 176 51.80 39.87 -9.57
N GLU A 177 51.11 40.92 -10.00
CA GLU A 177 51.77 42.22 -10.25
C GLU A 177 51.92 43.01 -8.94
N ASP A 178 50.80 43.20 -8.24
CA ASP A 178 50.80 43.72 -6.86
C ASP A 178 49.51 43.36 -6.13
N GLU A 179 48.93 44.32 -5.42
CA GLU A 179 47.72 44.09 -4.63
C GLU A 179 46.41 44.29 -5.43
N TYR A 180 46.54 44.63 -6.72
CA TYR A 180 45.37 45.01 -7.54
C TYR A 180 44.98 43.97 -8.58
N THR A 181 45.87 43.73 -9.54
CA THR A 181 45.52 42.92 -10.70
C THR A 181 46.64 41.93 -11.02
N LEU A 182 46.37 41.08 -12.02
CA LEU A 182 47.36 40.12 -12.52
C LEU A 182 47.62 40.37 -14.01
N LYS A 183 48.66 39.72 -14.55
CA LYS A 183 48.92 39.76 -15.98
C LYS A 183 48.68 38.37 -16.57
N CYS A 184 47.90 38.31 -17.65
CA CYS A 184 47.32 37.04 -18.09
C CYS A 184 47.43 36.82 -19.60
N TYR A 185 46.88 35.69 -20.06
CA TYR A 185 47.14 35.18 -21.40
C TYR A 185 45.81 34.87 -22.13
N VAL A 186 45.48 35.70 -23.12
CA VAL A 186 44.25 35.56 -23.91
C VAL A 186 44.29 34.32 -24.83
N ASN A 187 43.45 33.32 -24.51
CA ASN A 187 43.49 32.00 -25.15
C ASN A 187 42.66 31.91 -26.43
N ASN A 188 41.66 32.77 -26.55
CA ASN A 188 40.96 32.99 -27.81
C ASN A 188 40.54 34.45 -27.95
N ALA A 189 40.65 34.99 -29.16
CA ALA A 189 40.30 36.39 -29.41
C ALA A 189 38.80 36.62 -29.20
N HIS A 190 38.41 37.89 -29.12
CA HIS A 190 37.04 38.26 -28.77
C HIS A 190 36.91 39.76 -28.77
N PHE A 191 35.66 40.25 -28.73
CA PHE A 191 35.40 41.65 -28.40
C PHE A 191 34.56 41.77 -27.11
N LEU A 192 34.81 42.82 -26.32
CA LEU A 192 34.52 42.79 -24.88
C LEU A 192 33.79 44.06 -24.38
N THR A 193 32.45 44.03 -24.38
CA THR A 193 31.64 45.19 -23.91
C THR A 193 32.03 45.60 -22.48
N ASP A 194 31.67 46.83 -22.11
CA ASP A 194 31.64 47.24 -20.70
C ASP A 194 30.62 46.38 -19.92
N ARG A 195 30.90 46.14 -18.64
CA ARG A 195 29.91 45.58 -17.71
C ARG A 195 29.54 44.13 -18.04
N LYS A 196 30.55 43.27 -18.26
CA LYS A 196 30.30 41.86 -18.58
C LYS A 196 30.64 40.90 -17.43
N GLY A 197 29.73 39.95 -17.17
CA GLY A 197 29.86 39.02 -16.05
C GLY A 197 30.95 37.99 -16.27
N CYS A 198 31.60 37.57 -15.19
CA CYS A 198 32.79 36.68 -15.28
C CYS A 198 32.92 35.73 -14.08
N ASN A 199 33.56 34.58 -14.31
CA ASN A 199 33.64 33.51 -13.31
C ASN A 199 35.07 33.18 -12.89
N LEU A 200 35.22 32.76 -11.63
CA LEU A 200 36.51 32.28 -11.13
C LEU A 200 36.41 30.82 -10.75
N PRO A 201 36.41 29.92 -11.75
CA PRO A 201 36.24 28.47 -11.53
C PRO A 201 37.12 27.96 -10.39
N GLY A 202 38.38 28.41 -10.35
CA GLY A 202 39.34 27.91 -9.37
C GLY A 202 39.03 28.30 -7.93
N CYS A 203 39.43 29.50 -7.55
CA CYS A 203 39.24 30.00 -6.18
C CYS A 203 37.78 29.97 -5.75
N GLU A 204 37.56 29.78 -4.45
CA GLU A 204 36.25 30.06 -3.85
C GLU A 204 36.18 31.53 -3.39
N VAL A 205 35.20 32.27 -3.90
CA VAL A 205 35.21 33.74 -3.85
C VAL A 205 34.97 34.26 -2.43
N ASP A 206 35.68 35.33 -2.07
CA ASP A 206 35.44 36.01 -0.79
C ASP A 206 34.59 37.26 -0.97
N LEU A 207 33.39 37.06 -1.51
CA LEU A 207 32.34 38.06 -1.48
C LEU A 207 31.24 37.55 -0.56
N PRO A 208 30.37 38.45 -0.06
CA PRO A 208 29.37 38.00 0.92
C PRO A 208 28.20 37.30 0.24
N ALA A 209 27.61 36.32 0.93
CA ALA A 209 26.42 35.68 0.41
C ALA A 209 25.30 36.70 0.17
N VAL A 210 25.05 37.56 1.16
CA VAL A 210 24.10 38.66 1.04
C VAL A 210 24.82 40.01 1.13
N SER A 211 25.05 40.64 -0.02
CA SER A 211 25.67 41.96 -0.05
C SER A 211 24.75 43.05 0.49
N GLU A 212 25.25 44.28 0.59
CA GLU A 212 24.42 45.40 0.99
C GLU A 212 23.27 45.67 0.02
N LYS A 213 23.58 45.84 -1.27
CA LYS A 213 22.54 45.89 -2.29
C LYS A 213 21.53 44.78 -2.05
N ASP A 214 22.04 43.58 -1.80
CA ASP A 214 21.20 42.43 -1.54
C ASP A 214 20.21 42.66 -0.36
N ARG A 215 20.66 43.28 0.73
CA ARG A 215 19.74 43.61 1.84
C ARG A 215 18.64 44.56 1.37
N GLU A 216 19.02 45.55 0.58
CA GLU A 216 18.08 46.59 0.17
C GLU A 216 17.05 46.00 -0.78
N ASP A 217 17.52 45.13 -1.66
CA ASP A 217 16.63 44.40 -2.56
C ASP A 217 15.59 43.49 -1.82
N LEU A 218 16.09 42.63 -0.94
CA LEU A 218 15.21 41.76 -0.18
C LEU A 218 14.22 42.57 0.68
N LYS A 219 14.68 43.69 1.23
CA LYS A 219 13.84 44.55 2.02
C LYS A 219 12.72 45.14 1.15
N PHE A 220 13.10 45.64 -0.02
CA PHE A 220 12.14 46.11 -1.01
C PHE A 220 11.15 45.00 -1.38
N GLY A 221 11.69 43.77 -1.49
CA GLY A 221 10.89 42.59 -1.85
C GLY A 221 9.86 42.25 -0.79
N VAL A 222 10.29 42.24 0.47
CA VAL A 222 9.34 42.02 1.58
C VAL A 222 8.23 43.06 1.50
N GLU A 223 8.61 44.31 1.25
CA GLU A 223 7.64 45.40 1.19
C GLU A 223 6.66 45.22 0.03
N GLN A 224 7.07 44.56 -1.04
CA GLN A 224 6.18 44.39 -2.19
C GLN A 224 5.41 43.07 -2.17
N GLY A 225 5.64 42.29 -1.11
CA GLY A 225 4.94 41.00 -0.93
C GLY A 225 5.27 39.96 -1.98
N ILE A 226 6.55 39.87 -2.37
CA ILE A 226 6.99 38.78 -3.23
C ILE A 226 6.58 37.45 -2.60
N ASP A 227 6.49 36.41 -3.42
CA ASP A 227 6.14 35.09 -2.93
C ASP A 227 7.38 34.23 -2.62
N MET A 228 8.45 34.44 -3.36
CA MET A 228 9.65 33.61 -3.20
C MET A 228 10.94 34.32 -3.63
N VAL A 229 12.06 33.78 -3.18
CA VAL A 229 13.38 34.35 -3.51
C VAL A 229 14.22 33.30 -4.27
N PHE A 230 14.84 33.71 -5.36
CA PHE A 230 15.88 32.88 -5.97
C PHE A 230 17.22 33.49 -5.59
N ALA A 231 17.91 32.90 -4.62
CA ALA A 231 19.17 33.45 -4.13
C ALA A 231 20.31 32.95 -4.98
N SER A 232 20.91 33.83 -5.76
CA SER A 232 22.09 33.48 -6.57
C SER A 232 23.30 33.04 -5.74
N PHE A 233 24.00 32.02 -6.22
CA PHE A 233 25.35 31.68 -5.75
C PHE A 233 25.43 31.14 -4.30
N ILE A 234 24.37 30.49 -3.85
CA ILE A 234 24.37 29.89 -2.53
C ILE A 234 25.41 28.78 -2.47
N ARG A 235 26.35 28.90 -1.53
CA ARG A 235 27.47 27.95 -1.43
C ARG A 235 27.32 27.01 -0.26
N THR A 236 26.63 27.46 0.80
CA THR A 236 26.48 26.68 2.05
C THR A 236 25.11 26.84 2.74
N ALA A 237 24.83 25.98 3.71
CA ALA A 237 23.63 26.11 4.55
C ALA A 237 23.53 27.45 5.31
N GLU A 238 24.65 27.95 5.83
CA GLU A 238 24.65 29.18 6.61
C GLU A 238 24.41 30.39 5.74
N GLN A 239 24.84 30.31 4.49
CA GLN A 239 24.48 31.36 3.54
C GLN A 239 22.98 31.40 3.32
N VAL A 240 22.35 30.24 3.29
CA VAL A 240 20.89 30.20 3.25
C VAL A 240 20.34 30.94 4.49
N GLN A 241 20.90 30.61 5.65
CA GLN A 241 20.52 31.25 6.91
C GLN A 241 20.64 32.77 6.90
N GLU A 242 21.65 33.27 6.18
CA GLU A 242 21.87 34.69 6.04
C GLU A 242 20.78 35.36 5.21
N VAL A 243 20.34 34.70 4.15
CA VAL A 243 19.17 35.15 3.39
C VAL A 243 17.92 35.20 4.27
N ARG A 244 17.68 34.12 5.00
CA ARG A 244 16.59 34.03 5.96
C ARG A 244 16.59 35.25 6.91
N GLU A 245 17.77 35.60 7.44
CA GLU A 245 17.93 36.79 8.33
C GLU A 245 17.61 38.12 7.66
N ALA A 246 18.20 38.35 6.49
CA ALA A 246 17.94 39.58 5.76
C ALA A 246 16.45 39.76 5.51
N LEU A 247 15.73 38.66 5.30
CA LEU A 247 14.29 38.71 5.10
C LEU A 247 13.55 39.10 6.38
N GLY A 248 14.06 38.64 7.52
CA GLY A 248 13.55 39.04 8.83
C GLY A 248 12.19 38.47 9.17
N GLU A 249 11.70 38.84 10.35
CA GLU A 249 10.36 38.48 10.82
C GLU A 249 9.24 38.76 9.81
N LYS A 250 9.27 39.93 9.20
CA LYS A 250 8.24 40.32 8.24
C LYS A 250 8.24 39.44 6.98
N GLY A 251 9.42 38.97 6.57
CA GLY A 251 9.53 38.13 5.37
C GLY A 251 9.65 36.65 5.67
N LYS A 252 9.19 36.25 6.85
CA LYS A 252 9.47 34.91 7.34
C LYS A 252 8.65 33.83 6.62
N ASP A 253 7.61 34.23 5.91
CA ASP A 253 6.76 33.27 5.21
C ASP A 253 7.07 33.21 3.73
N ILE A 254 8.20 33.77 3.33
CA ILE A 254 8.61 33.78 1.94
C ILE A 254 9.56 32.61 1.60
N LEU A 255 9.27 31.88 0.53
CA LEU A 255 10.10 30.76 0.14
C LEU A 255 11.45 31.22 -0.37
N ILE A 256 12.51 30.61 0.17
CA ILE A 256 13.86 30.73 -0.38
C ILE A 256 14.20 29.52 -1.28
N ILE A 257 14.43 29.82 -2.55
CA ILE A 257 14.91 28.82 -3.49
C ILE A 257 16.38 29.09 -3.75
N SER A 258 17.26 28.22 -3.27
CA SER A 258 18.68 28.43 -3.46
C SER A 258 19.10 28.06 -4.86
N LYS A 259 19.82 28.96 -5.50
CA LYS A 259 20.41 28.70 -6.81
C LYS A 259 21.78 28.06 -6.66
N ILE A 260 21.96 26.90 -7.28
CA ILE A 260 23.23 26.20 -7.25
C ILE A 260 24.00 26.51 -8.53
N GLU A 261 25.19 27.09 -8.40
CA GLU A 261 25.80 27.81 -9.51
C GLU A 261 27.29 27.61 -9.55
N ASN A 262 27.80 26.81 -8.62
CA ASN A 262 29.23 26.62 -8.48
C ASN A 262 29.57 25.34 -7.74
N HIS A 263 30.87 25.09 -7.60
CA HIS A 263 31.39 23.81 -7.13
C HIS A 263 30.89 23.51 -5.74
N GLN A 264 30.95 24.54 -4.90
CA GLN A 264 30.68 24.40 -3.50
C GLN A 264 29.18 24.12 -3.25
N GLY A 265 28.32 24.81 -3.98
CA GLY A 265 26.88 24.55 -3.91
C GLY A 265 26.57 23.08 -4.16
N VAL A 266 27.20 22.54 -5.20
CA VAL A 266 27.07 21.12 -5.49
C VAL A 266 27.59 20.25 -4.34
N GLN A 267 28.79 20.51 -3.87
CA GLN A 267 29.33 19.74 -2.76
CA GLN A 267 29.35 19.76 -2.74
C GLN A 267 28.43 19.81 -1.51
N ASN A 268 27.88 20.97 -1.21
CA ASN A 268 27.05 21.12 -0.01
C ASN A 268 25.54 20.96 -0.23
N ILE A 269 25.15 20.32 -1.33
CA ILE A 269 23.73 20.24 -1.67
C ILE A 269 22.85 19.71 -0.52
N ASP A 270 23.28 18.61 0.12
CA ASP A 270 22.51 18.03 1.26
C ASP A 270 22.14 19.11 2.28
N GLY A 271 23.14 19.90 2.68
CA GLY A 271 22.93 20.93 3.66
C GLY A 271 22.08 22.09 3.16
N ILE A 272 22.27 22.46 1.90
CA ILE A 272 21.50 23.56 1.32
C ILE A 272 20.03 23.20 1.18
N ILE A 273 19.78 21.99 0.66
CA ILE A 273 18.42 21.47 0.60
C ILE A 273 17.79 21.50 2.00
N GLU A 274 18.49 20.94 2.99
CA GLU A 274 17.97 20.90 4.34
C GLU A 274 17.53 22.31 4.81
N ALA A 275 18.25 23.35 4.41
CA ALA A 275 17.96 24.73 4.88
C ALA A 275 17.03 25.56 3.96
N SER A 276 16.81 25.11 2.73
CA SER A 276 16.06 25.91 1.76
C SER A 276 14.64 25.38 1.59
N ASP A 277 13.81 26.14 0.89
CA ASP A 277 12.49 25.65 0.50
C ASP A 277 12.52 24.89 -0.84
N GLY A 278 13.61 25.05 -1.57
CA GLY A 278 13.71 24.48 -2.88
C GLY A 278 15.03 24.83 -3.50
N ILE A 279 15.29 24.26 -4.68
CA ILE A 279 16.53 24.48 -5.40
C ILE A 279 16.25 24.92 -6.83
N MET A 280 17.13 25.75 -7.36
CA MET A 280 17.21 25.93 -8.80
C MET A 280 18.55 25.47 -9.28
N VAL A 281 18.51 24.59 -10.28
CA VAL A 281 19.69 24.23 -11.06
C VAL A 281 19.99 25.38 -12.00
N ALA A 282 20.84 26.31 -11.54
CA ALA A 282 21.22 27.50 -12.33
C ALA A 282 22.36 27.15 -13.28
N ARG A 283 22.02 26.66 -14.46
CA ARG A 283 23.00 26.02 -15.34
C ARG A 283 23.89 27.01 -16.10
N GLY A 284 23.43 28.25 -16.25
CA GLY A 284 24.26 29.30 -16.87
C GLY A 284 25.62 29.40 -16.19
N ASP A 285 25.61 29.88 -14.96
CA ASP A 285 26.82 30.02 -14.19
C ASP A 285 27.48 28.68 -13.90
N LEU A 286 26.69 27.69 -13.53
CA LEU A 286 27.21 26.34 -13.28
C LEU A 286 28.07 25.81 -14.44
N GLY A 287 27.63 26.04 -15.68
CA GLY A 287 28.31 25.55 -16.85
C GLY A 287 29.65 26.23 -17.14
N VAL A 288 29.99 27.22 -16.34
CA VAL A 288 31.21 27.97 -16.52
C VAL A 288 32.10 27.71 -15.33
N GLU A 289 31.48 27.40 -14.20
CA GLU A 289 32.20 27.16 -12.95
C GLU A 289 32.75 25.76 -12.89
N ILE A 290 32.01 24.81 -13.45
CA ILE A 290 32.48 23.42 -13.61
C ILE A 290 32.42 22.98 -15.08
N PRO A 291 33.22 21.95 -15.47
CA PRO A 291 33.22 21.58 -16.89
C PRO A 291 31.79 21.39 -17.44
N ALA A 292 31.56 21.88 -18.66
CA ALA A 292 30.21 21.91 -19.25
C ALA A 292 29.45 20.57 -19.06
N GLU A 293 30.12 19.45 -19.38
CA GLU A 293 29.47 18.14 -19.35
C GLU A 293 29.07 17.70 -17.96
N LYS A 294 29.77 18.18 -16.95
CA LYS A 294 29.48 17.81 -15.57
C LYS A 294 28.10 18.31 -15.11
N VAL A 295 27.59 19.33 -15.79
CA VAL A 295 26.33 19.93 -15.40
C VAL A 295 25.21 18.90 -15.54
N VAL A 296 25.31 18.09 -16.57
CA VAL A 296 24.39 17.01 -16.74
C VAL A 296 24.27 16.18 -15.47
N VAL A 297 25.38 15.81 -14.88
CA VAL A 297 25.35 15.06 -13.62
C VAL A 297 24.84 15.92 -12.45
N ALA A 298 25.25 17.20 -12.41
CA ALA A 298 24.80 18.06 -11.34
C ALA A 298 23.27 18.11 -11.35
N GLN A 299 22.70 18.26 -12.56
CA GLN A 299 21.25 18.36 -12.74
C GLN A 299 20.55 17.10 -12.21
N MET A 300 21.10 15.94 -12.54
CA MET A 300 20.50 14.71 -12.10
C MET A 300 20.54 14.54 -10.57
N ILE A 301 21.70 14.86 -9.97
CA ILE A 301 21.85 14.79 -8.52
C ILE A 301 20.85 15.72 -7.82
N LEU A 302 20.80 16.98 -8.24
CA LEU A 302 20.02 17.99 -7.49
C LEU A 302 18.52 17.72 -7.61
N ILE A 303 18.07 17.49 -8.84
CA ILE A 303 16.68 17.15 -9.08
C ILE A 303 16.22 15.93 -8.26
N SER A 304 17.00 14.87 -8.23
CA SER A 304 16.58 13.68 -7.52
C SER A 304 16.62 13.88 -6.00
N LYS A 305 17.61 14.61 -5.51
CA LYS A 305 17.70 14.84 -4.08
C LYS A 305 16.52 15.70 -3.60
N CYS A 306 16.16 16.72 -4.37
CA CYS A 306 14.97 17.51 -4.05
C CYS A 306 13.75 16.63 -4.13
N ASN A 307 13.65 15.79 -5.15
CA ASN A 307 12.55 14.88 -5.22
C ASN A 307 12.44 14.02 -3.98
N VAL A 308 13.54 13.50 -3.47
CA VAL A 308 13.51 12.68 -2.25
C VAL A 308 13.16 13.52 -1.02
N ALA A 309 13.66 14.75 -1.01
CA ALA A 309 13.41 15.66 0.07
C ALA A 309 12.00 16.29 0.01
N GLY A 310 11.29 16.12 -1.11
CA GLY A 310 9.97 16.72 -1.28
C GLY A 310 10.00 18.23 -1.33
N LYS A 311 11.03 18.79 -1.97
CA LYS A 311 11.10 20.26 -2.12
C LYS A 311 11.17 20.63 -3.60
N PRO A 312 10.42 21.68 -4.03
CA PRO A 312 10.34 22.07 -5.44
C PRO A 312 11.71 22.30 -6.01
N VAL A 313 11.89 21.97 -7.29
CA VAL A 313 13.15 22.23 -7.95
C VAL A 313 12.95 22.75 -9.37
N ILE A 314 13.78 23.70 -9.77
CA ILE A 314 13.60 24.39 -11.03
C ILE A 314 14.81 24.16 -11.90
N CYS A 315 14.58 23.78 -13.16
CA CYS A 315 15.65 23.66 -14.10
C CYS A 315 15.75 24.90 -14.97
N ALA A 316 16.96 25.44 -15.10
CA ALA A 316 17.13 26.77 -15.67
C ALA A 316 18.19 26.87 -16.77
N THR A 317 17.91 27.74 -17.73
CA THR A 317 18.93 28.44 -18.52
C THR A 317 19.20 27.81 -19.87
N GLN A 318 18.77 28.52 -20.92
CA GLN A 318 19.04 28.16 -22.30
C GLN A 318 18.22 26.98 -22.79
N MET A 319 17.12 26.68 -22.10
CA MET A 319 16.31 25.50 -22.42
C MET A 319 15.76 25.58 -23.85
N LEU A 320 15.32 26.75 -24.26
CA LEU A 320 14.86 26.95 -25.62
C LEU A 320 15.55 28.16 -26.22
N GLU A 321 16.86 28.27 -25.96
CA GLU A 321 17.62 29.46 -26.29
C GLU A 321 17.34 30.04 -27.70
N SER A 322 17.46 29.20 -28.73
CA SER A 322 17.36 29.66 -30.11
C SER A 322 16.06 30.40 -30.36
N MET A 323 15.07 30.20 -29.49
CA MET A 323 13.78 30.87 -29.64
C MET A 323 13.80 32.30 -29.19
N THR A 324 14.93 32.76 -28.66
CA THR A 324 15.17 34.18 -28.45
C THR A 324 14.95 34.91 -29.78
N THR A 325 15.33 34.27 -30.89
CA THR A 325 15.23 34.92 -32.21
C THR A 325 14.38 34.13 -33.24
N ASN A 326 14.31 32.80 -33.09
CA ASN A 326 13.59 31.92 -34.05
C ASN A 326 12.20 31.50 -33.60
N PRO A 327 11.29 31.30 -34.56
CA PRO A 327 9.91 30.84 -34.26
C PRO A 327 9.87 29.37 -33.75
N ARG A 328 10.84 28.56 -34.19
CA ARG A 328 10.94 27.12 -33.87
C ARG A 328 12.15 26.88 -32.96
N PRO A 329 12.02 25.97 -31.99
CA PRO A 329 13.19 25.58 -31.19
C PRO A 329 14.04 24.56 -31.94
N THR A 330 15.31 24.41 -31.57
CA THR A 330 16.18 23.34 -32.14
C THR A 330 15.78 21.93 -31.63
N ARG A 331 16.35 20.89 -32.23
CA ARG A 331 16.04 19.54 -31.78
C ARG A 331 16.60 19.31 -30.37
N ALA A 332 17.73 19.93 -30.08
CA ALA A 332 18.43 19.71 -28.84
C ALA A 332 17.63 20.33 -27.71
N GLU A 333 16.93 21.41 -28.03
CA GLU A 333 16.25 22.18 -27.03
C GLU A 333 14.95 21.49 -26.65
N VAL A 334 14.20 21.04 -27.64
CA VAL A 334 13.02 20.22 -27.35
C VAL A 334 13.39 19.07 -26.40
N SER A 335 14.49 18.39 -26.72
CA SER A 335 14.92 17.28 -25.89
C SER A 335 15.36 17.73 -24.46
N ASP A 336 16.03 18.86 -24.34
CA ASP A 336 16.40 19.37 -23.02
C ASP A 336 15.17 19.52 -22.11
N VAL A 337 14.18 20.27 -22.59
CA VAL A 337 12.94 20.42 -21.84
C VAL A 337 12.31 19.07 -21.47
N ALA A 338 12.17 18.18 -22.43
CA ALA A 338 11.53 16.92 -22.12
C ALA A 338 12.34 16.14 -21.06
N ASN A 339 13.67 16.23 -21.12
CA ASN A 339 14.50 15.44 -20.21
C ASN A 339 14.53 16.04 -18.78
N ALA A 340 14.39 17.36 -18.67
CA ALA A 340 14.28 17.96 -17.37
C ALA A 340 13.01 17.45 -16.68
N VAL A 341 11.93 17.28 -17.45
CA VAL A 341 10.74 16.62 -16.90
C VAL A 341 10.96 15.13 -16.55
N PHE A 342 11.63 14.38 -17.42
CA PHE A 342 11.99 13.00 -17.06
C PHE A 342 12.93 12.94 -15.85
N ASN A 343 13.74 13.95 -15.63
CA ASN A 343 14.64 13.92 -14.46
C ASN A 343 13.87 14.00 -13.17
N GLY A 344 12.72 14.70 -13.23
CA GLY A 344 11.85 14.84 -12.08
C GLY A 344 11.68 16.28 -11.65
N ALA A 345 12.11 17.20 -12.50
CA ALA A 345 11.96 18.65 -12.25
C ALA A 345 10.49 19.06 -12.11
N ASP A 346 10.18 19.84 -11.08
CA ASP A 346 8.87 20.48 -10.96
C ASP A 346 8.69 21.56 -12.04
N CYS A 347 9.69 22.43 -12.11
CA CYS A 347 9.61 23.63 -12.94
C CYS A 347 10.73 23.62 -13.96
N VAL A 348 10.42 24.11 -15.15
CA VAL A 348 11.44 24.48 -16.12
C VAL A 348 11.32 25.99 -16.30
N MET A 349 12.44 26.65 -16.58
CA MET A 349 12.48 28.12 -16.53
C MET A 349 12.82 28.74 -17.86
N LEU A 350 12.44 29.99 -18.03
CA LEU A 350 12.80 30.74 -19.22
C LEU A 350 13.48 32.05 -18.84
N SER A 351 14.63 32.32 -19.47
CA SER A 351 15.36 33.55 -19.19
C SER A 351 15.32 34.52 -20.36
N GLY A 352 16.41 34.61 -21.11
CA GLY A 352 16.45 35.49 -22.28
C GLY A 352 15.25 35.30 -23.19
N GLU A 353 14.79 34.04 -23.32
CA GLU A 353 13.72 33.70 -24.23
C GLU A 353 12.51 34.60 -24.10
N THR A 354 12.22 35.03 -22.87
CA THR A 354 11.04 35.87 -22.60
C THR A 354 11.42 37.24 -22.06
N ALA A 355 12.62 37.38 -21.51
CA ALA A 355 13.05 38.66 -20.99
C ALA A 355 13.29 39.63 -22.14
N LYS A 356 13.99 39.16 -23.18
CA LYS A 356 14.36 40.02 -24.31
C LYS A 356 14.18 39.34 -25.65
N GLY A 357 13.46 38.23 -25.68
CA GLY A 357 13.25 37.47 -26.90
C GLY A 357 12.22 38.15 -27.78
N LYS A 358 12.02 37.63 -29.00
CA LYS A 358 10.95 38.14 -29.86
C LYS A 358 9.78 37.16 -30.11
N TYR A 359 9.72 36.07 -29.33
CA TYR A 359 8.64 35.13 -29.46
C TYR A 359 8.11 34.65 -28.09
N PRO A 360 7.90 35.60 -27.17
CA PRO A 360 7.68 35.19 -25.79
C PRO A 360 6.42 34.32 -25.59
N ASN A 361 5.34 34.59 -26.32
CA ASN A 361 4.17 33.71 -26.19
C ASN A 361 4.46 32.31 -26.72
N GLU A 362 5.02 32.27 -27.92
CA GLU A 362 5.25 31.03 -28.62
C GLU A 362 6.22 30.16 -27.86
N VAL A 363 7.26 30.78 -27.29
CA VAL A 363 8.29 29.99 -26.61
C VAL A 363 7.71 29.27 -25.38
N VAL A 364 6.83 29.96 -24.66
CA VAL A 364 6.11 29.38 -23.55
C VAL A 364 5.14 28.28 -24.02
N GLN A 365 4.44 28.53 -25.12
CA GLN A 365 3.55 27.52 -25.68
C GLN A 365 4.29 26.25 -26.03
N TYR A 366 5.47 26.39 -26.60
CA TYR A 366 6.29 25.23 -26.85
C TYR A 366 6.62 24.52 -25.57
N MET A 367 7.30 25.22 -24.66
CA MET A 367 7.59 24.67 -23.36
C MET A 367 6.41 23.87 -22.76
N ALA A 368 5.20 24.43 -22.85
CA ALA A 368 4.04 23.75 -22.29
C ALA A 368 3.75 22.46 -23.04
N ARG A 369 3.85 22.52 -24.37
CA ARG A 369 3.57 21.35 -25.20
C ARG A 369 4.56 20.22 -24.97
N ILE A 370 5.82 20.57 -24.77
CA ILE A 370 6.88 19.61 -24.53
C ILE A 370 6.69 18.95 -23.16
N CYS A 371 6.35 19.75 -22.15
CA CYS A 371 6.10 19.22 -20.82
C CYS A 371 5.01 18.19 -20.85
N LEU A 372 3.89 18.52 -21.48
CA LEU A 372 2.77 17.57 -21.64
C LEU A 372 3.18 16.23 -22.23
N GLU A 373 3.98 16.29 -23.30
CA GLU A 373 4.43 15.06 -24.00
C GLU A 373 5.30 14.23 -23.08
N ALA A 374 6.30 14.87 -22.48
CA ALA A 374 7.18 14.19 -21.53
C ALA A 374 6.36 13.54 -20.43
N GLN A 375 5.43 14.31 -19.89
CA GLN A 375 4.64 13.87 -18.78
C GLN A 375 3.92 12.62 -19.17
N SER A 376 3.45 12.56 -20.40
CA SER A 376 2.63 11.45 -20.79
C SER A 376 3.47 10.22 -21.15
N ALA A 377 4.76 10.44 -21.41
CA ALA A 377 5.66 9.34 -21.72
C ALA A 377 6.38 8.83 -20.47
N THR A 378 5.98 9.34 -19.30
CA THR A 378 6.60 8.95 -18.06
C THR A 378 5.82 7.83 -17.44
N ASN A 379 6.53 6.86 -16.89
CA ASN A 379 5.90 5.88 -16.02
C ASN A 379 5.73 6.42 -14.63
N GLN A 380 4.65 7.14 -14.38
CA GLN A 380 4.55 7.92 -13.16
CA GLN A 380 4.51 7.93 -13.16
C GLN A 380 4.41 7.07 -11.89
N ALA A 381 3.88 5.86 -12.04
CA ALA A 381 3.73 4.94 -10.88
C ALA A 381 5.08 4.44 -10.37
N VAL A 382 6.02 4.25 -11.30
CA VAL A 382 7.39 3.93 -11.01
C VAL A 382 8.10 5.09 -10.29
N MET A 383 7.80 6.33 -10.69
CA MET A 383 8.30 7.50 -9.96
C MET A 383 7.78 7.50 -8.52
N PHE A 384 6.44 7.47 -8.38
CA PHE A 384 5.81 7.38 -7.06
C PHE A 384 6.55 6.37 -6.20
N ASN A 385 6.70 5.16 -6.72
CA ASN A 385 7.25 4.10 -5.96
C ASN A 385 8.70 4.27 -5.50
N SER A 386 9.54 4.78 -6.38
CA SER A 386 10.94 4.84 -6.07
C SER A 386 11.18 5.94 -5.03
N ILE A 387 10.39 7.01 -5.12
CA ILE A 387 10.34 8.03 -4.08
C ILE A 387 9.88 7.48 -2.72
N LYS A 388 8.80 6.72 -2.71
CA LYS A 388 8.34 6.13 -1.47
C LYS A 388 9.49 5.36 -0.85
N LYS A 389 10.24 4.64 -1.67
CA LYS A 389 11.24 3.72 -1.16
C LYS A 389 12.48 4.38 -0.59
N MET A 390 12.63 5.69 -0.78
CA MET A 390 13.79 6.39 -0.29
C MET A 390 13.49 7.08 1.06
N GLN A 391 12.26 6.91 1.57
CA GLN A 391 11.85 7.54 2.84
C GLN A 391 12.14 6.63 4.04
N LYS A 392 12.64 7.22 5.14
CA LYS A 392 12.85 6.48 6.39
C LYS A 392 11.57 5.96 7.04
N LEU A 393 11.61 4.74 7.56
CA LEU A 393 10.52 4.22 8.39
C LEU A 393 10.91 4.31 9.84
N PRO A 394 10.03 4.90 10.67
CA PRO A 394 8.62 5.16 10.33
C PRO A 394 8.42 6.58 9.82
N MET A 395 7.48 6.75 8.91
CA MET A 395 7.08 8.07 8.48
C MET A 395 6.29 8.76 9.58
N SER A 396 6.25 10.09 9.53
CA SER A 396 5.29 10.87 10.31
C SER A 396 3.90 10.58 9.77
N PRO A 397 2.86 10.84 10.56
CA PRO A 397 1.49 10.47 10.10
C PRO A 397 1.05 11.19 8.83
N GLU A 398 1.36 12.49 8.73
CA GLU A 398 1.07 13.26 7.54
C GLU A 398 1.71 12.68 6.31
N GLU A 399 2.99 12.36 6.42
CA GLU A 399 3.66 11.82 5.28
C GLU A 399 3.07 10.44 4.86
N ALA A 400 2.70 9.61 5.83
CA ALA A 400 2.15 8.31 5.51
C ALA A 400 0.79 8.48 4.87
N VAL A 401 0.08 9.51 5.30
CA VAL A 401 -1.20 9.84 4.72
C VAL A 401 -1.07 10.27 3.25
N CYS A 402 -0.10 11.16 2.97
CA CYS A 402 0.06 11.70 1.61
C CYS A 402 0.58 10.64 0.65
N SER A 403 1.55 9.89 1.11
CA SER A 403 2.00 8.73 0.45
C SER A 403 0.84 7.80 0.15
N SER A 404 -0.04 7.60 1.12
CA SER A 404 -1.08 6.58 0.94
C SER A 404 -2.22 7.04 0.04
N ALA A 405 -2.53 8.34 0.10
CA ALA A 405 -3.48 8.95 -0.80
C ALA A 405 -3.04 8.78 -2.25
N VAL A 406 -1.76 9.01 -2.52
CA VAL A 406 -1.28 8.81 -3.84
C VAL A 406 -1.39 7.33 -4.27
N ASN A 407 -1.06 6.43 -3.35
CA ASN A 407 -1.31 5.00 -3.54
C ASN A 407 -2.75 4.73 -4.00
N SER A 408 -3.72 5.29 -3.29
CA SER A 408 -5.10 5.13 -3.63
C SER A 408 -5.39 5.72 -4.98
N VAL A 409 -4.79 6.86 -5.28
CA VAL A 409 -5.02 7.48 -6.58
C VAL A 409 -4.70 6.50 -7.69
N TYR A 410 -3.58 5.82 -7.56
CA TYR A 410 -3.20 4.83 -8.53
C TYR A 410 -4.11 3.62 -8.46
N GLU A 411 -4.55 3.26 -7.28
CA GLU A 411 -5.31 2.02 -7.14
C GLU A 411 -6.69 2.10 -7.80
N VAL A 412 -7.34 3.26 -7.71
CA VAL A 412 -8.72 3.43 -8.21
C VAL A 412 -8.73 4.28 -9.46
N ARG A 413 -7.53 4.61 -9.92
CA ARG A 413 -7.34 5.53 -11.03
C ARG A 413 -8.14 6.79 -10.84
N ALA A 414 -7.97 7.43 -9.68
CA ALA A 414 -8.71 8.64 -9.37
C ALA A 414 -8.34 9.73 -10.36
N LYS A 415 -9.28 10.63 -10.64
CA LYS A 415 -9.07 11.65 -11.68
C LYS A 415 -8.56 12.93 -11.08
N ALA A 416 -8.64 13.04 -9.75
CA ALA A 416 -8.16 14.24 -9.04
C ALA A 416 -7.83 13.89 -7.61
N LEU A 417 -6.85 14.61 -7.05
CA LEU A 417 -6.50 14.47 -5.64
C LEU A 417 -6.63 15.81 -4.97
N LEU A 418 -7.46 15.89 -3.92
CA LEU A 418 -7.81 17.16 -3.26
C LEU A 418 -7.22 17.19 -1.88
N VAL A 419 -6.46 18.22 -1.58
CA VAL A 419 -5.80 18.31 -0.29
C VAL A 419 -5.99 19.72 0.31
N LEU A 420 -6.38 19.78 1.59
CA LEU A 420 -6.48 21.07 2.30
C LEU A 420 -5.16 21.42 2.95
N SER A 421 -4.60 22.56 2.52
CA SER A 421 -3.36 23.07 3.07
C SER A 421 -3.48 24.58 3.23
N ASN A 422 -3.11 25.07 4.42
CA ASN A 422 -3.08 26.49 4.65
C ASN A 422 -1.69 27.08 4.36
N SER A 423 -0.64 26.41 4.82
CA SER A 423 0.74 26.85 4.57
C SER A 423 1.31 26.33 3.24
N GLY A 424 0.72 25.26 2.71
CA GLY A 424 1.28 24.61 1.51
C GLY A 424 2.02 23.33 1.82
N ARG A 425 2.48 23.20 3.06
CA ARG A 425 3.10 21.95 3.55
C ARG A 425 2.45 20.72 2.92
N SER A 426 1.15 20.54 3.17
CA SER A 426 0.47 19.33 2.75
C SER A 426 0.31 19.25 1.24
N ALA A 427 0.20 20.39 0.57
CA ALA A 427 0.19 20.39 -0.87
C ALA A 427 1.52 19.84 -1.40
N ARG A 428 2.62 20.37 -0.88
CA ARG A 428 3.90 19.95 -1.34
C ARG A 428 4.16 18.49 -0.98
N LEU A 429 3.59 18.05 0.13
CA LEU A 429 3.76 16.70 0.61
C LEU A 429 2.98 15.71 -0.24
N ALA A 430 1.78 16.09 -0.69
CA ALA A 430 1.08 15.30 -1.73
C ALA A 430 1.86 15.24 -3.03
N SER A 431 2.29 16.40 -3.52
CA SER A 431 2.96 16.46 -4.82
C SER A 431 4.31 15.72 -4.83
N LYS A 432 4.96 15.69 -3.67
CA LYS A 432 6.16 14.93 -3.49
C LYS A 432 6.02 13.52 -4.03
N TYR A 433 4.82 12.94 -3.94
CA TYR A 433 4.64 11.51 -4.25
C TYR A 433 4.20 11.25 -5.70
N ARG A 434 4.12 12.32 -6.49
CA ARG A 434 3.97 12.19 -7.94
C ARG A 434 2.77 11.33 -8.36
N PRO A 435 1.55 11.76 -8.01
CA PRO A 435 0.36 11.13 -8.58
C PRO A 435 0.26 11.44 -10.06
N ASP A 436 -0.52 10.66 -10.79
CA ASP A 436 -0.76 10.95 -12.21
C ASP A 436 -1.96 11.85 -12.47
N CYS A 437 -2.49 12.48 -11.45
CA CYS A 437 -3.58 13.41 -11.68
C CYS A 437 -3.32 14.80 -11.11
N PRO A 438 -4.20 15.74 -11.44
CA PRO A 438 -4.04 17.06 -10.84
C PRO A 438 -4.26 16.99 -9.33
N ILE A 439 -3.52 17.81 -8.60
CA ILE A 439 -3.78 17.99 -7.19
C ILE A 439 -4.48 19.32 -7.06
N ILE A 440 -5.74 19.28 -6.62
CA ILE A 440 -6.42 20.46 -6.11
C ILE A 440 -5.99 20.74 -4.67
N CYS A 441 -5.61 21.98 -4.40
CA CYS A 441 -5.39 22.41 -3.04
C CYS A 441 -6.36 23.54 -2.67
N ALA A 442 -7.25 23.26 -1.71
CA ALA A 442 -8.05 24.31 -1.10
C ALA A 442 -7.32 24.94 0.08
N THR A 443 -7.03 26.23 -0.03
CA THR A 443 -6.17 26.92 0.90
C THR A 443 -6.85 28.19 1.42
N THR A 444 -6.48 28.61 2.63
CA THR A 444 -7.04 29.81 3.21
C THR A 444 -6.19 31.08 2.98
N ARG A 445 -5.03 30.91 2.37
CA ARG A 445 -4.12 32.02 2.16
C ARG A 445 -3.88 32.25 0.68
N MET A 446 -3.95 33.49 0.28
CA MET A 446 -3.63 33.88 -1.06
C MET A 446 -2.13 33.68 -1.38
N ARG A 447 -1.26 33.92 -0.39
CA ARG A 447 0.17 33.69 -0.53
C ARG A 447 0.48 32.20 -0.87
N THR A 448 -0.38 31.30 -0.37
CA THR A 448 -0.20 29.88 -0.61
C THR A 448 -0.53 29.53 -2.04
N CYS A 449 -1.66 30.02 -2.54
CA CYS A 449 -1.97 29.89 -3.96
C CYS A 449 -0.76 30.25 -4.80
N ARG A 450 -0.13 31.38 -4.48
CA ARG A 450 0.94 31.91 -5.32
C ARG A 450 2.26 31.15 -5.16
N GLN A 451 2.59 30.76 -3.93
CA GLN A 451 3.76 29.93 -3.70
C GLN A 451 3.63 28.51 -4.27
N LEU A 452 2.41 28.00 -4.35
CA LEU A 452 2.21 26.64 -4.86
C LEU A 452 2.40 26.51 -6.37
N THR A 453 2.65 27.63 -7.03
CA THR A 453 2.86 27.66 -8.46
C THR A 453 4.15 27.01 -8.90
N ILE A 454 5.02 26.67 -7.96
CA ILE A 454 6.26 25.98 -8.33
C ILE A 454 6.25 24.48 -8.07
N THR A 455 5.12 23.96 -7.60
CA THR A 455 5.03 22.58 -7.20
C THR A 455 4.28 21.79 -8.25
N ARG A 456 4.86 20.69 -8.71
CA ARG A 456 4.23 19.89 -9.80
C ARG A 456 2.78 19.59 -9.48
N SER A 457 1.92 19.63 -10.51
CA SER A 457 0.57 19.02 -10.43
C SER A 457 -0.51 19.85 -9.72
N VAL A 458 -0.14 20.92 -9.03
CA VAL A 458 -1.07 21.61 -8.10
C VAL A 458 -1.83 22.76 -8.80
N ASP A 459 -3.15 22.78 -8.63
CA ASP A 459 -3.97 23.99 -8.85
C ASP A 459 -4.57 24.41 -7.53
N ALA A 460 -4.27 25.62 -7.10
CA ALA A 460 -4.71 26.09 -5.80
C ALA A 460 -6.04 26.82 -5.96
N VAL A 461 -6.93 26.62 -4.99
CA VAL A 461 -8.21 27.35 -4.94
C VAL A 461 -8.42 28.02 -3.57
N PHE A 462 -8.77 29.29 -3.59
CA PHE A 462 -8.82 30.10 -2.37
C PHE A 462 -10.17 30.02 -1.65
N TYR A 463 -10.15 29.55 -0.40
CA TYR A 463 -11.32 29.59 0.46
C TYR A 463 -11.22 30.79 1.40
N ASP A 464 -12.13 31.73 1.21
CA ASP A 464 -12.15 32.98 1.96
C ASP A 464 -12.86 32.81 3.32
N ALA A 465 -12.09 32.46 4.35
CA ALA A 465 -12.65 31.97 5.61
C ALA A 465 -13.29 33.08 6.42
N GLU A 466 -12.71 34.27 6.34
CA GLU A 466 -13.29 35.43 6.97
C GLU A 466 -14.68 35.72 6.43
N ARG A 467 -14.85 35.58 5.13
CA ARG A 467 -16.15 35.75 4.47
C ARG A 467 -17.12 34.58 4.71
N TYR A 468 -16.64 33.35 4.55
CA TYR A 468 -17.56 32.21 4.41
C TYR A 468 -17.68 31.33 5.66
N GLY A 469 -16.82 31.58 6.65
CA GLY A 469 -16.85 30.84 7.91
C GLY A 469 -15.63 29.97 8.13
N GLU A 470 -15.58 29.29 9.27
CA GLU A 470 -14.37 28.63 9.69
C GLU A 470 -14.19 27.25 9.00
N ASP A 471 -15.28 26.49 8.88
CA ASP A 471 -15.21 25.20 8.22
C ASP A 471 -14.38 24.18 8.99
N GLU A 472 -14.71 23.97 10.26
CA GLU A 472 -14.03 22.95 11.09
C GLU A 472 -14.19 21.52 10.55
N ASN A 473 -15.34 21.23 9.96
CA ASN A 473 -15.64 19.90 9.45
C ASN A 473 -15.22 19.72 7.99
N LYS A 474 -14.68 20.80 7.41
CA LYS A 474 -13.94 20.77 6.14
C LYS A 474 -14.87 20.77 4.96
N GLU A 475 -16.17 20.82 5.22
CA GLU A 475 -17.14 20.57 4.17
C GLU A 475 -17.16 21.64 3.10
N LYS A 476 -17.04 22.90 3.51
CA LYS A 476 -17.07 23.99 2.53
C LYS A 476 -15.82 23.95 1.63
N ARG A 477 -14.66 23.77 2.24
CA ARG A 477 -13.39 23.63 1.49
C ARG A 477 -13.36 22.40 0.58
N VAL A 478 -13.82 21.25 1.09
CA VAL A 478 -13.93 20.05 0.25
C VAL A 478 -14.89 20.30 -0.94
N GLN A 479 -16.02 20.93 -0.67
CA GLN A 479 -16.93 21.28 -1.75
C GLN A 479 -16.28 22.23 -2.75
N LEU A 480 -15.49 23.18 -2.23
CA LEU A 480 -14.87 24.18 -3.08
C LEU A 480 -13.88 23.49 -4.01
N GLY A 481 -13.09 22.58 -3.45
CA GLY A 481 -12.13 21.80 -4.21
C GLY A 481 -12.76 20.97 -5.30
N VAL A 482 -13.81 20.21 -4.96
CA VAL A 482 -14.54 19.42 -6.00
C VAL A 482 -15.06 20.30 -7.14
N ASP A 483 -15.72 21.42 -6.81
CA ASP A 483 -16.23 22.34 -7.84
C ASP A 483 -15.10 22.81 -8.76
N CYS A 484 -13.97 23.19 -8.15
CA CYS A 484 -12.74 23.52 -8.90
C CYS A 484 -12.33 22.43 -9.91
N ALA A 485 -12.23 21.19 -9.44
CA ALA A 485 -11.93 20.08 -10.31
C ALA A 485 -12.92 19.95 -11.46
N LYS A 486 -14.19 20.26 -11.19
CA LYS A 486 -15.24 20.21 -12.23
C LYS A 486 -15.09 21.35 -13.19
N LYS A 487 -15.06 22.55 -12.63
CA LYS A 487 -14.85 23.74 -13.41
C LYS A 487 -13.69 23.56 -14.40
N LYS A 488 -12.63 22.90 -13.97
CA LYS A 488 -11.43 22.71 -14.81
C LYS A 488 -11.48 21.53 -15.76
N GLY A 489 -12.56 20.77 -15.70
CA GLY A 489 -12.76 19.64 -16.59
C GLY A 489 -12.05 18.35 -16.19
N TYR A 490 -11.42 18.32 -15.01
CA TYR A 490 -10.72 17.10 -14.53
C TYR A 490 -11.67 15.95 -14.19
N VAL A 491 -12.89 16.27 -13.75
CA VAL A 491 -13.84 15.26 -13.30
C VAL A 491 -15.29 15.58 -13.70
N VAL A 492 -16.12 14.56 -13.64
CA VAL A 492 -17.55 14.72 -13.82
C VAL A 492 -18.25 13.80 -12.86
N PRO A 493 -19.54 14.01 -12.64
CA PRO A 493 -20.25 13.15 -11.69
C PRO A 493 -19.99 11.68 -12.00
N GLY A 494 -19.65 10.91 -10.99
CA GLY A 494 -19.38 9.48 -11.19
C GLY A 494 -17.92 9.13 -10.92
N ASP A 495 -17.02 10.05 -11.27
CA ASP A 495 -15.58 9.88 -11.10
C ASP A 495 -15.21 9.76 -9.64
N LEU A 496 -14.09 9.11 -9.37
CA LEU A 496 -13.57 9.01 -8.01
C LEU A 496 -12.55 10.09 -7.75
N MET A 497 -12.60 10.67 -6.55
CA MET A 497 -11.55 11.56 -6.07
C MET A 497 -10.98 11.04 -4.78
N VAL A 498 -9.69 11.26 -4.57
CA VAL A 498 -9.09 11.06 -3.27
C VAL A 498 -8.94 12.41 -2.57
N VAL A 499 -9.33 12.45 -1.30
CA VAL A 499 -9.36 13.72 -0.54
C VAL A 499 -8.51 13.58 0.69
N VAL A 500 -7.66 14.58 0.96
CA VAL A 500 -6.79 14.56 2.14
C VAL A 500 -6.92 15.78 3.01
N HIS A 501 -7.23 15.57 4.29
CA HIS A 501 -7.20 16.62 5.31
C HIS A 501 -7.23 15.95 6.68
N ALA A 502 -7.73 16.66 7.70
CA ALA A 502 -7.81 16.06 9.06
C ALA A 502 -9.20 15.55 9.46
N ASP A 503 -9.24 14.57 10.37
CA ASP A 503 -10.48 14.22 11.04
C ASP A 503 -10.93 15.36 11.96
N HIS A 504 -12.00 15.14 12.75
CA HIS A 504 -12.56 16.26 13.51
C HIS A 504 -11.68 16.76 14.61
N LYS A 505 -10.92 15.85 15.21
CA LYS A 505 -10.13 16.20 16.38
C LYS A 505 -8.75 16.82 16.02
N VAL A 506 -7.99 16.14 15.16
CA VAL A 506 -6.58 16.54 14.89
C VAL A 506 -6.35 17.95 14.26
N LYS A 507 -5.35 18.67 14.78
CA LYS A 507 -5.04 20.03 14.33
C LYS A 507 -3.55 20.16 13.99
N GLY A 508 -3.27 20.89 12.91
CA GLY A 508 -1.88 21.21 12.56
C GLY A 508 -1.25 20.33 11.48
N TYR A 509 -2.03 19.42 10.90
CA TYR A 509 -1.56 18.56 9.80
C TYR A 509 -2.68 17.59 9.45
N PRO A 510 -2.62 17.00 8.23
CA PRO A 510 -3.65 16.06 7.74
C PRO A 510 -3.41 14.68 8.32
N ASN A 511 -4.47 13.99 8.73
CA ASN A 511 -4.29 12.64 9.26
C ASN A 511 -5.27 11.63 8.70
N GLN A 512 -5.94 12.03 7.62
CA GLN A 512 -7.07 11.28 7.09
C GLN A 512 -7.10 11.27 5.54
N THR A 513 -7.47 10.12 4.96
CA THR A 513 -7.71 10.05 3.49
C THR A 513 -9.12 9.58 3.19
N ARG A 514 -9.65 10.03 2.08
CA ARG A 514 -11.01 9.74 1.76
C ARG A 514 -11.10 9.47 0.28
N ILE A 515 -11.91 8.49 -0.10
CA ILE A 515 -12.21 8.26 -1.52
C ILE A 515 -13.71 8.47 -1.78
N ILE A 516 -14.02 9.47 -2.59
CA ILE A 516 -15.41 9.89 -2.79
C ILE A 516 -15.82 9.91 -4.26
N TYR A 517 -17.13 9.84 -4.48
CA TYR A 517 -17.67 9.92 -5.82
C TYR A 517 -18.10 11.35 -6.07
N VAL A 518 -17.64 11.96 -7.16
CA VAL A 518 -18.09 13.31 -7.51
C VAL A 518 -19.61 13.29 -7.80
N SER A 519 -20.36 14.15 -7.12
CA SER A 519 -21.77 14.40 -7.51
C SER A 519 -21.90 15.55 -8.49
N MET B 21 14.42 -7.85 -0.50
CA MET B 21 15.20 -9.10 -0.18
C MET B 21 14.63 -10.29 -0.95
N SER B 22 15.48 -11.25 -1.29
CA SER B 22 15.01 -12.54 -1.82
C SER B 22 14.81 -13.55 -0.69
N GLN B 23 14.11 -14.66 -0.99
CA GLN B 23 13.89 -15.67 0.05
C GLN B 23 15.20 -16.17 0.67
N LEU B 24 16.21 -16.38 -0.18
CA LEU B 24 17.52 -16.81 0.26
C LEU B 24 18.15 -15.82 1.22
N ALA B 25 18.18 -14.54 0.83
CA ALA B 25 18.85 -13.54 1.65
C ALA B 25 18.11 -13.43 2.98
N HIS B 26 16.79 -13.56 2.91
CA HIS B 26 15.97 -13.50 4.11
C HIS B 26 16.36 -14.58 5.09
N ASN B 27 16.40 -15.82 4.60
CA ASN B 27 16.73 -16.92 5.44
C ASN B 27 18.08 -16.73 6.13
N VAL B 28 19.12 -16.40 5.38
CA VAL B 28 20.46 -16.41 5.95
C VAL B 28 20.56 -15.36 7.04
N ASN B 29 19.61 -14.46 7.08
CA ASN B 29 19.58 -13.47 8.14
C ASN B 29 18.57 -13.72 9.23
N LEU B 30 17.81 -14.79 9.15
CA LEU B 30 16.87 -15.12 10.24
C LEU B 30 17.63 -15.24 11.54
N SER B 31 17.03 -14.75 12.61
CA SER B 31 17.54 -15.01 13.93
C SER B 31 16.75 -16.14 14.59
N ILE B 32 17.36 -16.75 15.58
CA ILE B 32 16.82 -17.91 16.21
C ILE B 32 16.87 -17.76 17.75
N PHE B 33 17.76 -16.91 18.24
CA PHE B 33 17.86 -16.68 19.68
C PHE B 33 17.52 -15.24 20.03
N GLU B 34 16.97 -14.50 19.07
CA GLU B 34 16.39 -13.21 19.38
C GLU B 34 14.91 -13.39 19.75
N PRO B 35 14.38 -12.50 20.62
CA PRO B 35 12.94 -12.39 20.90
C PRO B 35 12.11 -12.45 19.63
N ILE B 36 10.85 -12.86 19.78
CA ILE B 36 9.92 -12.89 18.65
C ILE B 36 8.67 -12.06 18.97
N SER B 37 7.82 -11.85 17.97
CA SER B 37 6.56 -11.12 18.19
C SER B 37 5.67 -11.90 19.15
N HIS B 38 4.80 -11.18 19.84
CA HIS B 38 4.02 -11.79 20.92
C HIS B 38 2.60 -11.98 20.53
N HIS B 39 2.19 -11.36 19.42
CA HIS B 39 0.77 -11.30 19.09
C HIS B 39 0.40 -12.25 17.96
N ARG B 40 -0.07 -13.43 18.32
CA ARG B 40 -0.31 -14.49 17.33
C ARG B 40 -1.41 -14.17 16.29
N ALA B 41 -1.01 -14.03 15.03
CA ALA B 41 -1.94 -13.71 13.94
C ALA B 41 -2.72 -14.89 13.37
N ASN B 42 -2.10 -16.07 13.28
CA ASN B 42 -2.82 -17.21 12.73
C ASN B 42 -3.84 -17.78 13.74
N ARG B 43 -4.81 -18.57 13.25
CA ARG B 43 -5.86 -19.07 14.11
C ARG B 43 -5.97 -20.61 14.12
N ILE B 44 -6.33 -21.14 15.27
CA ILE B 44 -6.33 -22.55 15.49
C ILE B 44 -7.77 -23.09 15.63
N VAL B 45 -8.07 -24.14 14.83
CA VAL B 45 -9.35 -24.79 14.84
C VAL B 45 -9.24 -26.16 15.49
N CYS B 46 -10.06 -26.39 16.51
CA CYS B 46 -10.01 -27.63 17.29
C CYS B 46 -11.28 -28.47 17.11
N THR B 47 -11.09 -29.75 16.85
CA THR B 47 -12.20 -30.66 16.78
C THR B 47 -12.56 -31.18 18.15
N ILE B 48 -13.85 -31.15 18.48
CA ILE B 48 -14.30 -31.61 19.80
C ILE B 48 -14.58 -33.11 19.77
N GLY B 49 -14.37 -33.77 20.92
CA GLY B 49 -14.53 -35.22 21.07
C GLY B 49 -14.55 -35.59 22.54
N PRO B 50 -14.51 -36.90 22.84
CA PRO B 50 -14.47 -37.35 24.24
C PRO B 50 -13.50 -36.54 25.07
N SER B 51 -12.24 -36.46 24.62
CA SER B 51 -11.19 -35.74 25.37
C SER B 51 -11.56 -34.29 25.70
N THR B 52 -12.52 -33.71 24.97
CA THR B 52 -12.65 -32.26 24.94
C THR B 52 -14.05 -31.67 25.14
N GLN B 53 -15.05 -32.49 25.43
CA GLN B 53 -16.42 -32.03 25.44
C GLN B 53 -16.87 -31.30 26.71
N SER B 54 -16.35 -31.73 27.85
CA SER B 54 -16.69 -31.11 29.12
C SER B 54 -16.40 -29.60 29.07
N VAL B 55 -17.16 -28.83 29.84
CA VAL B 55 -16.91 -27.41 30.00
C VAL B 55 -15.45 -27.15 30.38
N GLU B 56 -14.92 -27.97 31.26
CA GLU B 56 -13.61 -27.74 31.80
C GLU B 56 -12.59 -27.90 30.69
N ALA B 57 -12.68 -29.00 29.95
CA ALA B 57 -11.76 -29.26 28.85
C ALA B 57 -11.87 -28.15 27.79
N LEU B 58 -13.08 -27.62 27.59
CA LEU B 58 -13.30 -26.52 26.66
C LEU B 58 -12.58 -25.23 27.09
N LYS B 59 -12.81 -24.81 28.33
CA LYS B 59 -11.98 -23.77 28.94
C LYS B 59 -10.49 -24.05 28.72
N GLY B 60 -10.10 -25.30 28.85
CA GLY B 60 -8.74 -25.73 28.59
C GLY B 60 -8.24 -25.35 27.21
N LEU B 61 -8.97 -25.79 26.18
CA LEU B 61 -8.65 -25.47 24.79
C LEU B 61 -8.66 -23.98 24.53
N ILE B 62 -9.67 -23.27 25.06
CA ILE B 62 -9.72 -21.80 24.87
C ILE B 62 -8.45 -21.12 25.38
N ARG B 63 -8.12 -21.34 26.64
CA ARG B 63 -6.90 -20.79 27.21
C ARG B 63 -5.65 -21.22 26.45
N SER B 64 -5.67 -22.43 25.89
CA SER B 64 -4.50 -22.97 25.19
C SER B 64 -4.30 -22.35 23.82
N GLY B 65 -5.39 -21.94 23.19
CA GLY B 65 -5.30 -21.14 21.99
C GLY B 65 -6.43 -21.35 20.99
N MET B 66 -7.38 -22.24 21.27
CA MET B 66 -8.45 -22.51 20.32
C MET B 66 -9.24 -21.23 19.97
N SER B 67 -9.37 -20.96 18.67
CA SER B 67 -10.28 -19.90 18.22
C SER B 67 -11.58 -20.48 17.68
N VAL B 68 -11.55 -21.73 17.22
CA VAL B 68 -12.69 -22.33 16.58
C VAL B 68 -12.89 -23.78 17.01
N ALA B 69 -14.15 -24.16 17.15
CA ALA B 69 -14.50 -25.47 17.62
C ALA B 69 -15.30 -26.15 16.56
N ARG B 70 -14.82 -27.31 16.13
CA ARG B 70 -15.39 -28.02 14.99
C ARG B 70 -16.17 -29.23 15.49
N MET B 71 -17.45 -29.31 15.12
CA MET B 71 -18.25 -30.47 15.40
C MET B 71 -18.18 -31.36 14.20
N ASN B 72 -17.70 -32.58 14.40
CA ASN B 72 -17.67 -33.51 13.30
C ASN B 72 -18.93 -34.38 13.22
N PHE B 73 -19.84 -34.01 12.33
CA PHE B 73 -21.11 -34.74 12.22
C PHE B 73 -20.98 -36.07 11.48
N SER B 74 -19.75 -36.54 11.30
CA SER B 74 -19.52 -37.91 10.87
C SER B 74 -19.66 -38.88 12.04
N HIS B 75 -19.69 -38.34 13.26
CA HIS B 75 -19.93 -39.15 14.48
C HIS B 75 -20.92 -38.44 15.39
N GLY B 76 -21.73 -39.22 16.11
CA GLY B 76 -22.56 -38.66 17.16
C GLY B 76 -23.94 -38.19 16.70
N SER B 77 -24.86 -38.14 17.63
CA SER B 77 -26.24 -37.75 17.34
C SER B 77 -26.38 -36.27 17.56
N HIS B 78 -27.53 -35.73 17.19
CA HIS B 78 -27.81 -34.33 17.45
C HIS B 78 -27.71 -33.99 18.90
N GLU B 79 -28.24 -34.87 19.75
CA GLU B 79 -28.16 -34.71 21.20
C GLU B 79 -26.69 -34.60 21.67
N TYR B 80 -25.83 -35.44 21.11
CA TYR B 80 -24.40 -35.40 21.43
C TYR B 80 -23.79 -34.01 21.13
N HIS B 81 -24.08 -33.49 19.96
CA HIS B 81 -23.58 -32.21 19.56
C HIS B 81 -24.21 -31.07 20.33
N GLN B 82 -25.46 -31.26 20.75
CA GLN B 82 -26.11 -30.32 21.66
C GLN B 82 -25.29 -30.14 22.97
N THR B 83 -24.82 -31.25 23.52
CA THR B 83 -23.90 -31.18 24.65
C THR B 83 -22.67 -30.31 24.33
N THR B 84 -22.08 -30.52 23.15
CA THR B 84 -20.92 -29.74 22.74
C THR B 84 -21.25 -28.24 22.63
N ILE B 85 -22.31 -27.91 21.92
CA ILE B 85 -22.77 -26.54 21.79
C ILE B 85 -23.01 -25.86 23.14
N ASN B 86 -23.70 -26.55 24.04
CA ASN B 86 -23.98 -26.00 25.35
C ASN B 86 -22.72 -25.81 26.16
N ASN B 87 -21.90 -26.85 26.23
CA ASN B 87 -20.67 -26.73 26.97
C ASN B 87 -19.77 -25.62 26.42
N LEU B 88 -19.64 -25.56 25.09
CA LEU B 88 -18.84 -24.52 24.47
C LEU B 88 -19.35 -23.14 24.87
N ARG B 89 -20.65 -22.92 24.70
CA ARG B 89 -21.23 -21.63 25.03
C ARG B 89 -21.04 -21.27 26.53
N ALA B 90 -21.13 -22.26 27.41
CA ALA B 90 -20.89 -22.04 28.85
C ALA B 90 -19.42 -21.68 29.15
N ALA B 91 -18.48 -22.32 28.44
CA ALA B 91 -17.07 -22.09 28.68
C ALA B 91 -16.62 -20.76 28.09
N ALA B 92 -17.08 -20.48 26.88
CA ALA B 92 -16.81 -19.19 26.25
C ALA B 92 -17.31 -18.01 27.10
N THR B 93 -18.46 -18.20 27.78
CA THR B 93 -19.05 -17.14 28.60
C THR B 93 -18.25 -16.93 29.88
N GLU B 94 -17.90 -18.02 30.56
CA GLU B 94 -17.07 -17.93 31.73
C GLU B 94 -15.87 -17.06 31.41
N LEU B 95 -15.24 -17.27 30.24
CA LEU B 95 -13.93 -16.70 29.94
C LEU B 95 -14.03 -15.43 29.14
N GLY B 96 -15.24 -15.13 28.67
CA GLY B 96 -15.49 -13.93 27.87
C GLY B 96 -14.77 -14.02 26.55
N ALA B 97 -14.91 -15.17 25.90
CA ALA B 97 -14.22 -15.46 24.63
C ALA B 97 -15.21 -15.49 23.46
N HIS B 98 -14.76 -15.01 22.29
CA HIS B 98 -15.46 -15.30 21.04
C HIS B 98 -14.91 -16.54 20.39
N ILE B 99 -15.76 -17.55 20.23
CA ILE B 99 -15.34 -18.78 19.64
C ILE B 99 -16.29 -19.16 18.53
N GLY B 100 -15.75 -19.32 17.33
CA GLY B 100 -16.53 -19.74 16.19
C GLY B 100 -16.98 -21.17 16.33
N LEU B 101 -18.25 -21.42 16.04
CA LEU B 101 -18.78 -22.74 16.20
C LEU B 101 -19.11 -23.30 14.83
N ALA B 102 -18.42 -24.38 14.45
CA ALA B 102 -18.48 -24.89 13.08
C ALA B 102 -19.07 -26.28 13.00
N LEU B 103 -19.96 -26.45 12.03
CA LEU B 103 -20.54 -27.75 11.77
C LEU B 103 -19.92 -28.33 10.52
N ASP B 104 -19.21 -29.44 10.70
CA ASP B 104 -18.52 -30.13 9.62
C ASP B 104 -19.39 -31.33 9.21
N THR B 105 -19.87 -31.31 7.98
CA THR B 105 -20.93 -32.22 7.57
C THR B 105 -20.41 -33.61 7.32
N LYS B 106 -21.30 -34.60 7.33
CA LYS B 106 -20.91 -35.93 6.96
C LYS B 106 -20.46 -35.98 5.50
N GLY B 107 -21.23 -35.35 4.62
CA GLY B 107 -21.01 -35.45 3.18
C GLY B 107 -21.33 -36.83 2.61
N PRO B 108 -21.16 -36.99 1.29
CA PRO B 108 -21.10 -38.27 0.57
C PRO B 108 -19.91 -39.13 1.00
N GLU B 109 -19.93 -39.62 2.23
CA GLU B 109 -18.77 -40.24 2.84
C GLU B 109 -19.08 -41.72 3.10
N ILE B 110 -18.12 -42.59 2.79
CA ILE B 110 -18.27 -44.00 3.07
C ILE B 110 -17.44 -44.39 4.28
N ARG B 111 -18.11 -44.81 5.35
CA ARG B 111 -17.43 -45.33 6.54
C ARG B 111 -17.67 -46.83 6.68
N THR B 112 -16.81 -47.50 7.45
CA THR B 112 -17.05 -48.90 7.84
C THR B 112 -18.14 -48.99 8.91
N GLY B 113 -18.61 -50.21 9.18
CA GLY B 113 -19.49 -50.44 10.33
C GLY B 113 -18.73 -50.66 11.65
N LEU B 114 -19.30 -51.49 12.53
CA LEU B 114 -18.70 -51.82 13.84
C LEU B 114 -18.00 -53.18 13.79
N PHE B 115 -16.96 -53.34 14.61
CA PHE B 115 -16.23 -54.62 14.71
C PHE B 115 -16.44 -55.23 16.09
N LYS B 116 -16.58 -56.57 16.14
CA LYS B 116 -16.60 -57.27 17.42
C LYS B 116 -15.29 -57.00 18.17
N ASP B 117 -15.42 -56.66 19.46
CA ASP B 117 -14.28 -56.23 20.29
C ASP B 117 -13.91 -54.75 20.10
N GLY B 118 -14.58 -54.07 19.17
CA GLY B 118 -14.21 -52.68 18.82
C GLY B 118 -12.94 -52.58 18.00
N GLY B 119 -12.47 -53.78 17.49
CA GLY B 119 -11.30 -53.82 16.60
C GLY B 119 -10.96 -55.12 16.01
N ILE B 120 -10.40 -55.10 14.77
CA ILE B 120 -9.93 -56.34 14.07
C ILE B 120 -8.55 -56.12 13.46
N ALA B 121 -7.78 -57.20 13.36
CA ALA B 121 -6.40 -57.12 12.89
C ALA B 121 -6.21 -57.89 11.57
N LEU B 122 -5.63 -57.24 10.56
CA LEU B 122 -5.51 -57.88 9.25
C LEU B 122 -4.07 -58.09 8.82
N ALA B 123 -3.79 -59.25 8.23
CA ALA B 123 -2.43 -59.59 7.82
C ALA B 123 -2.32 -59.66 6.30
N PRO B 124 -1.17 -59.23 5.75
CA PRO B 124 -0.90 -59.30 4.31
C PRO B 124 -1.06 -60.73 3.76
N GLY B 125 -1.73 -60.86 2.62
CA GLY B 125 -2.03 -62.17 2.06
C GLY B 125 -3.48 -62.57 2.22
N ASP B 126 -4.03 -62.29 3.41
CA ASP B 126 -5.45 -62.61 3.73
C ASP B 126 -6.43 -62.12 2.68
N THR B 127 -7.58 -62.79 2.58
CA THR B 127 -8.77 -62.15 2.03
C THR B 127 -9.74 -61.72 3.15
N VAL B 128 -10.64 -60.82 2.80
CA VAL B 128 -11.75 -60.45 3.66
C VAL B 128 -12.99 -60.21 2.77
N LEU B 129 -14.16 -60.31 3.38
CA LEU B 129 -15.39 -59.96 2.70
C LEU B 129 -15.83 -58.56 3.12
N VAL B 130 -15.99 -57.70 2.14
CA VAL B 130 -16.51 -56.37 2.38
C VAL B 130 -17.94 -56.31 1.85
N THR B 131 -18.90 -56.01 2.71
CA THR B 131 -20.29 -56.03 2.30
C THR B 131 -21.06 -54.75 2.60
N SER B 132 -22.11 -54.49 1.80
CA SER B 132 -23.03 -53.37 2.04
C SER B 132 -24.35 -53.84 2.62
N ASP B 133 -24.43 -55.12 2.96
CA ASP B 133 -25.57 -55.70 3.68
C ASP B 133 -25.65 -55.15 5.13
N PRO B 134 -26.71 -54.36 5.45
CA PRO B 134 -26.83 -53.60 6.72
C PRO B 134 -26.94 -54.53 7.92
N ALA B 135 -27.42 -55.75 7.67
CA ALA B 135 -27.32 -56.85 8.63
C ALA B 135 -25.94 -56.95 9.29
N PHE B 136 -24.90 -56.59 8.54
CA PHE B 136 -23.54 -56.79 8.99
C PHE B 136 -22.92 -55.53 9.57
N GLU B 137 -23.73 -54.49 9.72
CA GLU B 137 -23.26 -53.23 10.28
C GLU B 137 -22.58 -53.41 11.63
N LYS B 138 -23.21 -54.18 12.53
CA LYS B 138 -22.76 -54.32 13.93
C LYS B 138 -21.68 -55.37 14.17
N ILE B 139 -21.51 -56.31 13.24
CA ILE B 139 -20.72 -57.54 13.54
C ILE B 139 -19.56 -57.81 12.57
N GLY B 140 -18.63 -56.87 12.50
CA GLY B 140 -17.47 -57.02 11.63
C GLY B 140 -16.44 -57.96 12.21
N THR B 141 -15.89 -58.83 11.36
CA THR B 141 -14.90 -59.81 11.78
C THR B 141 -13.70 -59.81 10.82
N LYS B 142 -12.66 -60.55 11.19
CA LYS B 142 -11.53 -60.85 10.30
C LYS B 142 -11.96 -61.26 8.89
N GLU B 143 -13.19 -61.81 8.79
CA GLU B 143 -13.62 -62.52 7.57
C GLU B 143 -14.66 -61.75 6.75
N LYS B 144 -15.55 -61.03 7.43
CA LYS B 144 -16.49 -60.14 6.75
C LYS B 144 -16.78 -58.88 7.59
N PHE B 145 -16.90 -57.74 6.94
CA PHE B 145 -17.36 -56.52 7.61
C PHE B 145 -18.04 -55.56 6.64
N TYR B 146 -18.66 -54.53 7.19
CA TYR B 146 -19.66 -53.74 6.47
C TYR B 146 -19.11 -52.38 6.13
N ILE B 147 -19.33 -51.93 4.90
CA ILE B 147 -19.21 -50.52 4.59
C ILE B 147 -20.47 -49.93 4.00
N GLU B 148 -20.80 -48.75 4.49
CA GLU B 148 -22.03 -48.10 4.18
C GLU B 148 -21.99 -47.52 2.77
N TYR B 149 -22.22 -48.37 1.76
CA TYR B 149 -22.27 -47.93 0.36
C TYR B 149 -23.10 -48.93 -0.46
N PRO B 150 -24.44 -48.72 -0.48
CA PRO B 150 -25.38 -49.66 -1.08
C PRO B 150 -24.99 -50.09 -2.49
N ARG B 151 -24.41 -49.18 -3.26
CA ARG B 151 -24.07 -49.51 -4.64
C ARG B 151 -22.62 -50.04 -4.79
N LEU B 152 -22.07 -50.60 -3.71
CA LEU B 152 -20.71 -51.13 -3.69
C LEU B 152 -20.40 -52.08 -4.84
N SER B 153 -21.22 -53.11 -5.01
CA SER B 153 -20.91 -54.19 -5.95
C SER B 153 -21.03 -53.77 -7.44
N ILE B 154 -21.81 -52.72 -7.71
CA ILE B 154 -21.88 -52.13 -9.05
C ILE B 154 -20.67 -51.24 -9.34
N THR B 155 -20.21 -50.51 -8.32
CA THR B 155 -19.28 -49.39 -8.50
C THR B 155 -17.83 -49.82 -8.56
N VAL B 156 -17.42 -50.67 -7.61
CA VAL B 156 -16.02 -51.11 -7.52
C VAL B 156 -15.86 -52.48 -8.13
N ARG B 157 -15.22 -52.54 -9.29
CA ARG B 157 -15.09 -53.81 -10.03
C ARG B 157 -13.79 -54.54 -9.64
N PRO B 158 -13.66 -55.83 -10.04
CA PRO B 158 -12.43 -56.59 -9.75
C PRO B 158 -11.19 -55.81 -10.17
N GLY B 159 -10.08 -55.98 -9.45
CA GLY B 159 -8.85 -55.24 -9.76
C GLY B 159 -8.87 -53.77 -9.33
N GLY B 160 -9.94 -53.35 -8.68
CA GLY B 160 -9.99 -52.03 -8.04
C GLY B 160 -9.36 -52.03 -6.64
N PHE B 161 -9.32 -50.85 -6.03
CA PHE B 161 -8.78 -50.72 -4.69
C PHE B 161 -9.78 -50.07 -3.74
N ILE B 162 -9.92 -50.66 -2.56
CA ILE B 162 -10.59 -49.98 -1.45
C ILE B 162 -9.57 -49.60 -0.36
N TYR B 163 -9.42 -48.31 -0.12
CA TYR B 163 -8.55 -47.83 0.96
C TYR B 163 -9.36 -47.49 2.20
N ILE B 164 -8.78 -47.77 3.37
CA ILE B 164 -9.49 -47.51 4.64
C ILE B 164 -8.58 -46.89 5.70
N ASP B 165 -9.13 -45.93 6.45
CA ASP B 165 -8.43 -45.34 7.59
C ASP B 165 -7.33 -44.41 7.11
N ASP B 166 -7.73 -43.20 6.67
CA ASP B 166 -6.81 -42.24 6.08
C ASP B 166 -5.98 -42.92 5.01
N GLY B 167 -6.59 -43.92 4.38
CA GLY B 167 -5.97 -44.58 3.25
C GLY B 167 -4.75 -45.41 3.62
N VAL B 168 -4.68 -45.83 4.87
CA VAL B 168 -3.54 -46.64 5.32
C VAL B 168 -3.78 -48.12 5.06
N LEU B 169 -5.02 -48.56 5.20
CA LEU B 169 -5.38 -49.93 4.80
C LEU B 169 -5.63 -50.05 3.28
N SER B 170 -4.88 -50.94 2.64
CA SER B 170 -5.01 -51.18 1.20
C SER B 170 -5.63 -52.57 0.95
N LEU B 171 -6.82 -52.58 0.32
CA LEU B 171 -7.45 -53.85 -0.11
C LEU B 171 -7.64 -53.85 -1.61
N LYS B 172 -7.33 -54.98 -2.26
CA LYS B 172 -7.65 -55.18 -3.68
C LYS B 172 -8.90 -56.05 -3.88
N VAL B 173 -9.73 -55.66 -4.84
CA VAL B 173 -10.94 -56.43 -5.14
C VAL B 173 -10.62 -57.62 -6.04
N LEU B 174 -11.01 -58.81 -5.60
CA LEU B 174 -10.83 -60.02 -6.39
C LEU B 174 -12.06 -60.33 -7.25
N SER B 175 -13.23 -60.44 -6.62
CA SER B 175 -14.46 -60.80 -7.33
C SER B 175 -15.69 -60.26 -6.61
N LYS B 176 -16.82 -60.24 -7.31
CA LYS B 176 -18.11 -59.92 -6.70
C LYS B 176 -18.79 -61.20 -6.25
N GLU B 177 -19.18 -61.26 -4.97
CA GLU B 177 -19.79 -62.47 -4.39
C GLU B 177 -21.30 -62.55 -4.61
N ASP B 178 -21.92 -61.38 -4.71
CA ASP B 178 -23.36 -61.26 -4.62
C ASP B 178 -23.69 -59.78 -4.61
N GLU B 179 -24.98 -59.47 -4.56
CA GLU B 179 -25.47 -58.11 -4.73
C GLU B 179 -24.93 -57.15 -3.69
N TYR B 180 -24.33 -57.69 -2.62
CA TYR B 180 -23.97 -56.89 -1.44
C TYR B 180 -22.45 -56.78 -1.22
N THR B 181 -21.70 -57.73 -1.77
CA THR B 181 -20.42 -58.13 -1.18
C THR B 181 -19.31 -58.35 -2.22
N LEU B 182 -18.12 -57.84 -1.92
CA LEU B 182 -16.91 -58.16 -2.68
C LEU B 182 -15.88 -58.96 -1.88
N LYS B 183 -15.19 -59.87 -2.55
CA LYS B 183 -14.04 -60.53 -1.97
C LYS B 183 -12.80 -59.69 -2.23
N CYS B 184 -12.02 -59.41 -1.19
CA CYS B 184 -10.87 -58.52 -1.31
C CYS B 184 -9.62 -59.18 -0.79
N TYR B 185 -8.48 -58.77 -1.35
CA TYR B 185 -7.17 -59.25 -0.91
C TYR B 185 -6.47 -58.17 -0.05
N VAL B 186 -5.97 -58.57 1.13
CA VAL B 186 -5.38 -57.62 2.09
C VAL B 186 -3.92 -57.36 1.76
N ASN B 187 -3.58 -56.10 1.53
CA ASN B 187 -2.27 -55.73 1.05
C ASN B 187 -1.23 -55.55 2.16
N ASN B 188 -1.67 -55.13 3.34
CA ASN B 188 -0.73 -54.81 4.42
C ASN B 188 -1.37 -54.97 5.79
N ALA B 189 -0.53 -55.14 6.81
CA ALA B 189 -0.98 -55.18 8.21
C ALA B 189 -1.70 -53.91 8.59
N HIS B 190 -2.87 -54.05 9.20
CA HIS B 190 -3.51 -52.92 9.86
C HIS B 190 -4.44 -53.38 10.93
N PHE B 191 -4.58 -52.58 11.96
CA PHE B 191 -5.59 -52.84 12.98
C PHE B 191 -6.79 -51.90 12.76
N LEU B 192 -7.92 -52.47 12.39
CA LEU B 192 -9.07 -51.67 11.95
C LEU B 192 -10.06 -51.35 13.08
N THR B 193 -10.39 -50.08 13.21
CA THR B 193 -11.25 -49.60 14.28
C THR B 193 -12.64 -49.31 13.76
N ASP B 194 -13.62 -49.37 14.66
CA ASP B 194 -15.00 -49.05 14.32
C ASP B 194 -15.15 -47.78 13.49
N ARG B 195 -15.94 -47.87 12.42
CA ARG B 195 -16.40 -46.69 11.68
C ARG B 195 -15.28 -45.82 11.14
N LYS B 196 -14.35 -46.44 10.41
CA LYS B 196 -13.33 -45.71 9.65
C LYS B 196 -13.84 -45.23 8.29
N GLY B 197 -13.18 -44.21 7.72
CA GLY B 197 -13.52 -43.72 6.40
C GLY B 197 -12.83 -44.49 5.29
N CYS B 198 -13.53 -44.67 4.16
CA CYS B 198 -13.03 -45.44 3.01
C CYS B 198 -12.86 -44.57 1.78
N ASN B 199 -11.92 -44.92 0.92
CA ASN B 199 -11.75 -44.25 -0.34
C ASN B 199 -11.80 -45.21 -1.52
N LEU B 200 -12.64 -44.89 -2.51
CA LEU B 200 -12.66 -45.59 -3.78
C LEU B 200 -12.16 -44.67 -4.88
N PRO B 201 -10.83 -44.49 -4.97
CA PRO B 201 -10.35 -43.40 -5.85
C PRO B 201 -10.61 -43.68 -7.34
N GLY B 202 -10.46 -44.92 -7.77
CA GLY B 202 -10.66 -45.22 -9.19
C GLY B 202 -12.12 -45.28 -9.65
N CYS B 203 -12.99 -44.44 -9.08
CA CYS B 203 -14.43 -44.75 -9.04
C CYS B 203 -15.37 -43.57 -9.12
N GLU B 204 -16.48 -43.75 -9.83
CA GLU B 204 -17.64 -42.88 -9.68
C GLU B 204 -18.44 -43.31 -8.47
N VAL B 205 -18.41 -42.52 -7.41
CA VAL B 205 -19.22 -42.85 -6.23
C VAL B 205 -20.67 -42.35 -6.35
N ASP B 206 -21.60 -43.29 -6.41
CA ASP B 206 -23.03 -42.99 -6.59
C ASP B 206 -23.67 -42.37 -5.33
N LEU B 207 -23.35 -41.09 -5.04
CA LEU B 207 -23.73 -40.47 -3.74
C LEU B 207 -24.14 -39.00 -3.83
N PRO B 208 -25.18 -38.62 -3.05
CA PRO B 208 -25.72 -37.26 -3.10
C PRO B 208 -24.68 -36.25 -2.66
N ALA B 209 -24.66 -35.10 -3.33
CA ALA B 209 -23.91 -33.98 -2.83
C ALA B 209 -24.39 -33.59 -1.41
N VAL B 210 -25.72 -33.64 -1.21
CA VAL B 210 -26.34 -33.31 0.08
C VAL B 210 -27.44 -34.33 0.38
N SER B 211 -27.16 -35.24 1.31
CA SER B 211 -28.09 -36.33 1.57
C SER B 211 -29.22 -35.83 2.43
N GLU B 212 -30.22 -36.69 2.68
CA GLU B 212 -31.28 -36.35 3.62
C GLU B 212 -30.68 -36.08 5.04
N LYS B 213 -29.84 -36.99 5.52
CA LYS B 213 -29.12 -36.78 6.78
C LYS B 213 -28.45 -35.37 6.84
N ASP B 214 -27.73 -35.01 5.76
CA ASP B 214 -27.09 -33.69 5.67
C ASP B 214 -28.06 -32.52 5.89
N ARG B 215 -29.26 -32.59 5.29
CA ARG B 215 -30.22 -31.47 5.36
C ARG B 215 -30.64 -31.26 6.78
N GLU B 216 -30.71 -32.36 7.52
CA GLU B 216 -31.19 -32.33 8.86
C GLU B 216 -30.12 -31.77 9.80
N ASP B 217 -28.91 -32.29 9.66
CA ASP B 217 -27.75 -31.70 10.30
C ASP B 217 -27.71 -30.19 10.09
N LEU B 218 -27.83 -29.76 8.84
CA LEU B 218 -27.73 -28.35 8.54
C LEU B 218 -28.87 -27.57 9.22
N LYS B 219 -30.11 -28.02 9.00
CA LYS B 219 -31.27 -27.44 9.65
C LYS B 219 -31.07 -27.37 11.16
N PHE B 220 -30.57 -28.45 11.75
CA PHE B 220 -30.22 -28.44 13.17
C PHE B 220 -29.23 -27.32 13.49
N GLY B 221 -28.14 -27.27 12.72
CA GLY B 221 -27.13 -26.23 12.88
C GLY B 221 -27.75 -24.84 12.84
N VAL B 222 -28.68 -24.64 11.90
CA VAL B 222 -29.35 -23.33 11.76
C VAL B 222 -30.13 -22.94 13.01
N GLU B 223 -30.95 -23.86 13.53
CA GLU B 223 -31.68 -23.61 14.79
C GLU B 223 -30.74 -23.30 15.95
N GLN B 224 -29.60 -23.99 15.99
CA GLN B 224 -28.68 -23.88 17.14
C GLN B 224 -27.76 -22.70 17.03
N GLY B 225 -27.87 -21.98 15.91
CA GLY B 225 -27.10 -20.75 15.70
C GLY B 225 -25.61 -20.95 15.45
N ILE B 226 -25.24 -21.98 14.70
CA ILE B 226 -23.84 -22.16 14.32
C ILE B 226 -23.38 -20.94 13.52
N ASP B 227 -22.06 -20.76 13.43
CA ASP B 227 -21.44 -19.61 12.75
C ASP B 227 -21.01 -19.94 11.32
N MET B 228 -20.60 -21.19 11.10
CA MET B 228 -20.03 -21.62 9.82
C MET B 228 -20.23 -23.12 9.59
N VAL B 229 -20.27 -23.50 8.31
CA VAL B 229 -20.31 -24.90 7.93
C VAL B 229 -19.01 -25.31 7.29
N PHE B 230 -18.50 -26.49 7.64
CA PHE B 230 -17.40 -27.07 6.88
C PHE B 230 -17.98 -28.15 5.99
N ALA B 231 -18.18 -27.84 4.71
CA ALA B 231 -18.93 -28.73 3.78
C ALA B 231 -18.01 -29.76 3.12
N SER B 232 -18.23 -31.04 3.45
CA SER B 232 -17.34 -32.10 2.97
C SER B 232 -17.55 -32.45 1.52
N PHE B 233 -16.46 -32.85 0.86
CA PHE B 233 -16.50 -33.39 -0.51
C PHE B 233 -17.09 -32.49 -1.57
N ILE B 234 -16.96 -31.19 -1.41
CA ILE B 234 -17.47 -30.21 -2.40
C ILE B 234 -16.73 -30.32 -3.76
N ARG B 235 -17.49 -30.61 -4.80
CA ARG B 235 -16.91 -30.93 -6.10
C ARG B 235 -17.07 -29.78 -7.06
N THR B 236 -18.16 -29.02 -6.93
CA THR B 236 -18.50 -27.98 -7.90
C THR B 236 -19.12 -26.75 -7.24
N ALA B 237 -19.12 -25.64 -7.95
CA ALA B 237 -19.87 -24.46 -7.49
C ALA B 237 -21.35 -24.79 -7.23
N GLU B 238 -21.92 -25.66 -8.06
CA GLU B 238 -23.33 -26.05 -7.94
C GLU B 238 -23.61 -26.67 -6.56
N GLN B 239 -22.72 -27.56 -6.13
CA GLN B 239 -22.84 -28.17 -4.81
C GLN B 239 -22.76 -27.17 -3.66
N VAL B 240 -21.93 -26.14 -3.81
CA VAL B 240 -21.89 -25.06 -2.80
C VAL B 240 -23.26 -24.41 -2.77
N GLN B 241 -23.73 -24.03 -3.94
CA GLN B 241 -25.12 -23.63 -4.16
C GLN B 241 -26.16 -24.50 -3.44
N GLU B 242 -25.96 -25.81 -3.41
CA GLU B 242 -26.90 -26.72 -2.72
C GLU B 242 -26.89 -26.56 -1.22
N VAL B 243 -25.71 -26.50 -0.64
CA VAL B 243 -25.58 -26.24 0.79
C VAL B 243 -26.23 -24.90 1.14
N ARG B 244 -26.01 -23.89 0.31
CA ARG B 244 -26.64 -22.57 0.52
C ARG B 244 -28.20 -22.61 0.55
N GLU B 245 -28.78 -23.35 -0.40
CA GLU B 245 -30.23 -23.62 -0.43
C GLU B 245 -30.64 -24.27 0.86
N ALA B 246 -29.85 -25.25 1.30
CA ALA B 246 -30.21 -26.06 2.46
C ALA B 246 -30.20 -25.24 3.76
N LEU B 247 -29.36 -24.21 3.85
CA LEU B 247 -29.42 -23.34 4.99
C LEU B 247 -30.65 -22.41 4.97
N GLY B 248 -31.15 -22.11 3.75
CA GLY B 248 -32.35 -21.30 3.55
C GLY B 248 -32.16 -19.85 3.97
N GLU B 249 -33.23 -19.05 3.84
CA GLU B 249 -33.22 -17.65 4.31
C GLU B 249 -32.71 -17.50 5.73
N LYS B 250 -33.22 -18.35 6.63
CA LYS B 250 -32.83 -18.29 8.04
C LYS B 250 -31.32 -18.44 8.19
N GLY B 251 -30.70 -19.31 7.37
CA GLY B 251 -29.28 -19.61 7.49
C GLY B 251 -28.37 -18.81 6.55
N LYS B 252 -28.93 -17.77 5.93
CA LYS B 252 -28.21 -17.07 4.87
C LYS B 252 -26.95 -16.36 5.36
N ASP B 253 -26.92 -15.98 6.63
CA ASP B 253 -25.74 -15.30 7.18
C ASP B 253 -24.63 -16.25 7.66
N ILE B 254 -24.90 -17.56 7.63
CA ILE B 254 -23.90 -18.55 8.03
C ILE B 254 -22.86 -18.68 6.94
N LEU B 255 -21.59 -18.71 7.33
CA LEU B 255 -20.50 -18.93 6.37
C LEU B 255 -20.42 -20.38 5.89
N ILE B 256 -20.17 -20.55 4.60
CA ILE B 256 -19.88 -21.85 4.05
C ILE B 256 -18.40 -21.98 3.68
N ILE B 257 -17.73 -22.92 4.33
CA ILE B 257 -16.37 -23.22 4.01
C ILE B 257 -16.33 -24.57 3.32
N SER B 258 -15.90 -24.56 2.05
CA SER B 258 -15.88 -25.75 1.22
C SER B 258 -14.65 -26.59 1.46
N LYS B 259 -14.84 -27.89 1.66
CA LYS B 259 -13.73 -28.80 1.86
C LYS B 259 -13.32 -29.43 0.52
N ILE B 260 -12.04 -29.31 0.18
CA ILE B 260 -11.56 -29.84 -1.07
C ILE B 260 -10.83 -31.16 -0.79
N GLU B 261 -11.53 -32.27 -0.98
CA GLU B 261 -10.97 -33.57 -0.64
C GLU B 261 -10.89 -34.50 -1.84
N ASN B 262 -10.97 -33.95 -3.04
CA ASN B 262 -10.89 -34.78 -4.24
C ASN B 262 -10.46 -34.09 -5.52
N HIS B 263 -10.35 -34.88 -6.58
CA HIS B 263 -9.88 -34.43 -7.88
C HIS B 263 -10.70 -33.27 -8.41
N GLN B 264 -12.02 -33.41 -8.36
CA GLN B 264 -12.90 -32.41 -8.93
C GLN B 264 -12.85 -31.09 -8.14
N GLY B 265 -12.80 -31.19 -6.82
CA GLY B 265 -12.60 -30.03 -5.96
C GLY B 265 -11.40 -29.18 -6.38
N VAL B 266 -10.25 -29.84 -6.51
CA VAL B 266 -9.05 -29.16 -6.99
C VAL B 266 -9.24 -28.59 -8.40
N GLN B 267 -9.74 -29.43 -9.30
CA GLN B 267 -10.05 -29.04 -10.68
C GLN B 267 -10.91 -27.78 -10.72
N ASN B 268 -12.00 -27.77 -9.96
CA ASN B 268 -12.97 -26.66 -9.99
C ASN B 268 -12.75 -25.64 -8.86
N ILE B 269 -11.52 -25.47 -8.43
CA ILE B 269 -11.25 -24.59 -7.33
C ILE B 269 -11.74 -23.15 -7.56
N ASP B 270 -11.57 -22.64 -8.77
CA ASP B 270 -11.86 -21.21 -9.03
C ASP B 270 -13.33 -20.90 -8.81
N GLY B 271 -14.20 -21.86 -9.14
CA GLY B 271 -15.62 -21.67 -9.05
C GLY B 271 -16.09 -21.93 -7.65
N ILE B 272 -15.41 -22.83 -6.95
CA ILE B 272 -15.78 -23.16 -5.61
C ILE B 272 -15.43 -22.01 -4.68
N ILE B 273 -14.27 -21.39 -4.90
CA ILE B 273 -13.95 -20.16 -4.18
C ILE B 273 -14.96 -19.04 -4.47
N GLU B 274 -15.36 -18.88 -5.73
CA GLU B 274 -16.36 -17.89 -6.10
C GLU B 274 -17.58 -18.06 -5.22
N ALA B 275 -18.09 -19.29 -5.16
CA ALA B 275 -19.37 -19.57 -4.49
C ALA B 275 -19.24 -19.57 -2.97
N SER B 276 -18.04 -19.76 -2.45
CA SER B 276 -17.88 -20.11 -1.04
C SER B 276 -17.50 -18.90 -0.21
N ASP B 277 -17.49 -19.08 1.10
CA ASP B 277 -16.96 -18.05 1.97
C ASP B 277 -15.48 -18.31 2.30
N GLY B 278 -15.03 -19.52 1.98
CA GLY B 278 -13.71 -19.98 2.37
C GLY B 278 -13.45 -21.41 1.95
N ILE B 279 -12.27 -21.90 2.29
CA ILE B 279 -11.78 -23.20 1.83
C ILE B 279 -11.04 -23.87 2.98
N MET B 280 -11.34 -25.15 3.17
CA MET B 280 -10.45 -26.03 3.94
C MET B 280 -9.75 -26.99 3.02
N VAL B 281 -8.44 -26.96 3.05
CA VAL B 281 -7.63 -27.99 2.46
C VAL B 281 -7.71 -29.22 3.35
N ALA B 282 -8.68 -30.08 3.05
CA ALA B 282 -8.93 -31.30 3.84
C ALA B 282 -7.99 -32.41 3.37
N ARG B 283 -6.84 -32.54 4.00
CA ARG B 283 -5.74 -33.30 3.39
C ARG B 283 -5.85 -34.81 3.62
N GLY B 284 -6.66 -35.20 4.60
CA GLY B 284 -6.82 -36.61 4.94
C GLY B 284 -7.32 -37.39 3.75
N ASP B 285 -8.50 -37.02 3.28
CA ASP B 285 -9.10 -37.66 2.15
C ASP B 285 -8.33 -37.30 0.86
N LEU B 286 -7.99 -36.03 0.70
CA LEU B 286 -7.36 -35.56 -0.52
C LEU B 286 -6.11 -36.37 -0.82
N GLY B 287 -5.33 -36.66 0.23
CA GLY B 287 -4.13 -37.48 0.12
C GLY B 287 -4.37 -38.94 -0.29
N VAL B 288 -5.63 -39.38 -0.24
CA VAL B 288 -6.01 -40.69 -0.76
C VAL B 288 -6.66 -40.59 -2.15
N GLU B 289 -7.43 -39.54 -2.39
CA GLU B 289 -8.11 -39.37 -3.67
C GLU B 289 -7.15 -39.03 -4.77
N ILE B 290 -6.03 -38.42 -4.43
CA ILE B 290 -5.01 -38.05 -5.41
C ILE B 290 -3.65 -38.52 -4.88
N PRO B 291 -2.66 -38.72 -5.80
CA PRO B 291 -1.34 -39.15 -5.35
C PRO B 291 -0.84 -38.30 -4.17
N ALA B 292 -0.26 -38.95 -3.18
CA ALA B 292 0.07 -38.30 -1.92
C ALA B 292 0.95 -37.08 -2.12
N GLU B 293 1.92 -37.17 -3.04
CA GLU B 293 2.84 -36.06 -3.28
C GLU B 293 2.17 -34.84 -3.91
N LYS B 294 1.03 -35.02 -4.54
CA LYS B 294 0.37 -33.89 -5.22
C LYS B 294 -0.40 -33.01 -4.22
N VAL B 295 -0.63 -33.52 -3.01
CA VAL B 295 -1.25 -32.72 -1.94
C VAL B 295 -0.44 -31.45 -1.66
N VAL B 296 0.88 -31.57 -1.72
CA VAL B 296 1.78 -30.46 -1.55
C VAL B 296 1.48 -29.33 -2.50
N VAL B 297 1.35 -29.65 -3.77
CA VAL B 297 0.97 -28.66 -4.77
C VAL B 297 -0.50 -28.12 -4.64
N ALA B 298 -1.45 -29.01 -4.35
CA ALA B 298 -2.83 -28.57 -4.17
C ALA B 298 -2.91 -27.64 -2.97
N GLN B 299 -2.13 -27.94 -1.93
CA GLN B 299 -2.13 -27.09 -0.78
C GLN B 299 -1.65 -25.66 -1.15
N MET B 300 -0.63 -25.58 -1.98
CA MET B 300 -0.10 -24.28 -2.33
C MET B 300 -1.04 -23.48 -3.25
N ILE B 301 -1.75 -24.19 -4.14
CA ILE B 301 -2.70 -23.56 -5.04
C ILE B 301 -3.88 -23.01 -4.23
N LEU B 302 -4.49 -23.84 -3.39
CA LEU B 302 -5.69 -23.44 -2.69
C LEU B 302 -5.41 -22.28 -1.76
N ILE B 303 -4.38 -22.40 -0.93
CA ILE B 303 -4.05 -21.30 -0.03
C ILE B 303 -3.81 -19.97 -0.80
N SER B 304 -2.94 -19.97 -1.79
CA SER B 304 -2.59 -18.75 -2.46
C SER B 304 -3.81 -18.16 -3.14
N LYS B 305 -4.65 -19.01 -3.74
CA LYS B 305 -5.84 -18.53 -4.45
C LYS B 305 -6.85 -17.91 -3.49
N CYS B 306 -7.00 -18.50 -2.31
CA CYS B 306 -7.83 -17.88 -1.29
C CYS B 306 -7.24 -16.57 -0.83
N ASN B 307 -5.91 -16.52 -0.69
CA ASN B 307 -5.26 -15.28 -0.33
C ASN B 307 -5.60 -14.22 -1.39
N VAL B 308 -5.39 -14.54 -2.66
CA VAL B 308 -5.60 -13.56 -3.73
C VAL B 308 -7.07 -13.12 -3.70
N ALA B 309 -7.95 -14.07 -3.45
CA ALA B 309 -9.38 -13.80 -3.44
C ALA B 309 -9.86 -13.09 -2.15
N GLY B 310 -9.05 -13.12 -1.09
CA GLY B 310 -9.43 -12.49 0.20
C GLY B 310 -10.47 -13.30 0.98
N LYS B 311 -10.39 -14.63 0.87
CA LYS B 311 -11.27 -15.50 1.63
C LYS B 311 -10.47 -16.43 2.51
N PRO B 312 -10.90 -16.62 3.76
CA PRO B 312 -10.11 -17.40 4.72
C PRO B 312 -9.86 -18.81 4.22
N VAL B 313 -8.73 -19.40 4.60
CA VAL B 313 -8.43 -20.77 4.22
C VAL B 313 -7.80 -21.51 5.40
N ILE B 314 -8.18 -22.77 5.56
CA ILE B 314 -7.76 -23.60 6.67
C ILE B 314 -7.01 -24.80 6.15
N CYS B 315 -5.91 -25.17 6.81
CA CYS B 315 -5.14 -26.35 6.46
C CYS B 315 -5.34 -27.42 7.50
N ALA B 316 -5.76 -28.60 7.06
CA ALA B 316 -6.29 -29.61 7.96
C ALA B 316 -5.66 -30.99 7.82
N THR B 317 -5.76 -31.74 8.93
CA THR B 317 -5.55 -33.19 9.01
C THR B 317 -4.11 -33.59 9.22
N GLN B 318 -3.87 -34.26 10.36
CA GLN B 318 -2.60 -34.93 10.62
C GLN B 318 -1.41 -33.99 10.86
N MET B 319 -1.70 -32.71 11.12
CA MET B 319 -0.64 -31.71 11.27
C MET B 319 0.24 -32.00 12.48
N LEU B 320 -0.38 -32.41 13.58
CA LEU B 320 0.35 -32.70 14.80
C LEU B 320 0.02 -34.09 15.31
N GLU B 321 -0.01 -35.05 14.38
CA GLU B 321 -0.69 -36.31 14.57
C GLU B 321 -0.19 -37.06 15.79
N SER B 322 1.13 -37.14 15.93
CA SER B 322 1.74 -38.03 16.91
C SER B 322 1.50 -37.56 18.33
N MET B 323 0.94 -36.37 18.49
CA MET B 323 0.61 -35.83 19.83
C MET B 323 -0.77 -36.27 20.31
N THR B 324 -1.48 -37.01 19.47
CA THR B 324 -2.57 -37.84 19.93
C THR B 324 -2.11 -38.70 21.14
N THR B 325 -0.85 -39.11 21.15
CA THR B 325 -0.35 -39.99 22.21
C THR B 325 0.95 -39.48 22.93
N ASN B 326 1.60 -38.46 22.37
CA ASN B 326 2.90 -38.03 22.83
C ASN B 326 2.89 -36.56 23.16
N PRO B 327 3.62 -36.16 24.22
CA PRO B 327 3.58 -34.78 24.74
C PRO B 327 4.42 -33.80 23.91
N ARG B 328 4.92 -34.27 22.77
CA ARG B 328 5.77 -33.46 21.89
C ARG B 328 5.62 -34.00 20.44
N PRO B 329 5.73 -33.10 19.44
CA PRO B 329 5.50 -33.54 18.06
C PRO B 329 6.77 -34.06 17.44
N THR B 330 6.65 -34.69 16.27
CA THR B 330 7.81 -35.08 15.45
C THR B 330 8.36 -33.88 14.74
N ARG B 331 9.58 -34.01 14.23
CA ARG B 331 10.19 -32.93 13.46
C ARG B 331 9.37 -32.62 12.22
N ALA B 332 8.73 -33.64 11.64
CA ALA B 332 7.98 -33.46 10.40
C ALA B 332 6.74 -32.62 10.69
N GLU B 333 6.04 -33.00 11.76
CA GLU B 333 4.82 -32.34 12.16
C GLU B 333 5.06 -30.85 12.38
N VAL B 334 6.17 -30.51 13.04
CA VAL B 334 6.47 -29.12 13.33
C VAL B 334 6.64 -28.30 12.06
N SER B 335 7.43 -28.79 11.11
CA SER B 335 7.61 -28.04 9.85
C SER B 335 6.36 -28.02 8.95
N ASP B 336 5.53 -29.07 9.03
CA ASP B 336 4.24 -29.05 8.40
C ASP B 336 3.45 -27.84 8.88
N VAL B 337 3.36 -27.65 10.19
CA VAL B 337 2.60 -26.51 10.72
C VAL B 337 3.21 -25.16 10.30
N ALA B 338 4.51 -25.01 10.43
CA ALA B 338 5.13 -23.75 10.09
C ALA B 338 4.95 -23.42 8.61
N ASN B 339 5.09 -24.42 7.76
CA ASN B 339 4.99 -24.21 6.33
C ASN B 339 3.59 -23.90 5.90
N ALA B 340 2.60 -24.37 6.67
CA ALA B 340 1.24 -23.99 6.35
C ALA B 340 1.07 -22.49 6.56
N VAL B 341 1.67 -21.94 7.63
CA VAL B 341 1.65 -20.50 7.83
C VAL B 341 2.43 -19.80 6.73
N PHE B 342 3.67 -20.22 6.50
CA PHE B 342 4.45 -19.63 5.38
C PHE B 342 3.68 -19.62 4.04
N ASN B 343 2.95 -20.70 3.76
CA ASN B 343 2.13 -20.77 2.56
C ASN B 343 1.11 -19.66 2.58
N GLY B 344 0.60 -19.34 3.77
CA GLY B 344 -0.32 -18.22 3.92
C GLY B 344 -1.69 -18.58 4.45
N ALA B 345 -1.83 -19.79 4.98
CA ALA B 345 -3.09 -20.19 5.59
C ALA B 345 -3.52 -19.22 6.71
N ASP B 346 -4.81 -18.98 6.80
CA ASP B 346 -5.34 -18.26 7.95
C ASP B 346 -5.29 -19.16 9.18
N CYS B 347 -5.73 -20.40 9.00
CA CYS B 347 -5.92 -21.32 10.11
C CYS B 347 -5.19 -22.63 9.86
N VAL B 348 -4.71 -23.23 10.94
CA VAL B 348 -4.34 -24.61 10.94
C VAL B 348 -5.29 -25.36 11.87
N MET B 349 -5.51 -26.66 11.62
CA MET B 349 -6.57 -27.38 12.33
C MET B 349 -6.05 -28.59 13.09
N LEU B 350 -6.81 -29.03 14.10
CA LEU B 350 -6.55 -30.30 14.79
C LEU B 350 -7.76 -31.25 14.74
N SER B 351 -7.51 -32.55 14.80
CA SER B 351 -8.58 -33.56 14.63
C SER B 351 -8.53 -34.66 15.68
N GLY B 352 -8.01 -35.82 15.29
CA GLY B 352 -7.56 -36.78 16.28
C GLY B 352 -7.11 -36.06 17.55
N GLU B 353 -6.18 -35.11 17.38
CA GLU B 353 -5.32 -34.64 18.46
C GLU B 353 -6.07 -33.99 19.61
N THR B 354 -7.20 -33.36 19.31
CA THR B 354 -8.02 -32.75 20.35
C THR B 354 -9.27 -33.60 20.68
N ALA B 355 -9.76 -34.34 19.69
CA ALA B 355 -10.97 -35.12 19.86
C ALA B 355 -10.76 -36.31 20.82
N LYS B 356 -9.68 -37.07 20.61
CA LYS B 356 -9.47 -38.29 21.34
C LYS B 356 -8.03 -38.42 21.88
N GLY B 357 -7.24 -37.37 21.74
CA GLY B 357 -5.84 -37.39 22.19
C GLY B 357 -5.66 -37.37 23.70
N LYS B 358 -4.42 -37.60 24.13
CA LYS B 358 -4.06 -37.53 25.55
C LYS B 358 -3.58 -36.14 25.98
N TYR B 359 -3.30 -35.26 25.01
CA TYR B 359 -2.74 -33.94 25.33
C TYR B 359 -3.46 -32.82 24.60
N PRO B 360 -4.80 -32.73 24.76
CA PRO B 360 -5.56 -31.72 24.04
C PRO B 360 -5.00 -30.32 24.26
N ASN B 361 -4.59 -30.01 25.49
CA ASN B 361 -4.10 -28.67 25.78
C ASN B 361 -2.70 -28.41 25.23
N GLU B 362 -1.80 -29.38 25.39
CA GLU B 362 -0.42 -29.17 25.00
C GLU B 362 -0.26 -29.13 23.47
N VAL B 363 -1.06 -29.93 22.76
CA VAL B 363 -1.02 -29.93 21.30
C VAL B 363 -1.42 -28.57 20.73
N VAL B 364 -2.44 -27.95 21.32
CA VAL B 364 -2.79 -26.61 20.96
C VAL B 364 -1.67 -25.64 21.29
N GLN B 365 -1.11 -25.74 22.49
CA GLN B 365 -0.05 -24.84 22.89
C GLN B 365 1.15 -24.94 21.96
N TYR B 366 1.45 -26.16 21.53
CA TYR B 366 2.49 -26.36 20.55
C TYR B 366 2.15 -25.70 19.22
N MET B 367 0.96 -25.95 18.72
CA MET B 367 0.56 -25.34 17.47
C MET B 367 0.69 -23.80 17.49
N ALA B 368 0.35 -23.20 18.62
CA ALA B 368 0.37 -21.74 18.72
C ALA B 368 1.78 -21.27 18.81
N ARG B 369 2.62 -22.06 19.45
CA ARG B 369 4.01 -21.73 19.52
C ARG B 369 4.66 -21.79 18.14
N ILE B 370 4.33 -22.84 17.37
CA ILE B 370 4.87 -22.96 16.01
C ILE B 370 4.36 -21.86 15.09
N CYS B 371 3.06 -21.53 15.17
CA CYS B 371 2.52 -20.42 14.38
C CYS B 371 3.32 -19.13 14.60
N LEU B 372 3.51 -18.76 15.87
CA LEU B 372 4.17 -17.51 16.20
C LEU B 372 5.57 -17.48 15.65
N GLU B 373 6.25 -18.61 15.71
CA GLU B 373 7.63 -18.69 15.26
C GLU B 373 7.67 -18.41 13.75
N ALA B 374 6.81 -19.10 13.01
CA ALA B 374 6.77 -18.95 11.60
C ALA B 374 6.33 -17.55 11.23
N GLN B 375 5.28 -17.05 11.89
CA GLN B 375 4.83 -15.67 11.69
C GLN B 375 5.98 -14.66 11.71
N SER B 376 6.82 -14.75 12.73
CA SER B 376 7.91 -13.84 12.90
C SER B 376 9.09 -14.13 11.95
N ALA B 377 9.13 -15.33 11.40
CA ALA B 377 10.10 -15.69 10.37
C ALA B 377 9.67 -15.19 8.99
N THR B 378 8.43 -14.73 8.87
CA THR B 378 7.92 -14.26 7.60
C THR B 378 8.36 -12.84 7.29
N ASN B 379 8.58 -12.57 6.02
CA ASN B 379 8.63 -11.20 5.54
C ASN B 379 7.23 -10.70 5.18
N GLN B 380 6.55 -10.11 6.15
CA GLN B 380 5.12 -9.81 6.04
CA GLN B 380 5.11 -9.85 5.98
C GLN B 380 4.81 -8.70 5.01
N ALA B 381 5.73 -7.75 4.87
CA ALA B 381 5.57 -6.67 3.90
C ALA B 381 5.55 -7.22 2.47
N VAL B 382 6.32 -8.29 2.25
CA VAL B 382 6.37 -8.93 0.95
C VAL B 382 5.09 -9.74 0.64
N MET B 383 4.53 -10.43 1.65
CA MET B 383 3.19 -11.03 1.51
C MET B 383 2.24 -9.98 1.01
N PHE B 384 2.15 -8.89 1.79
CA PHE B 384 1.24 -7.81 1.52
C PHE B 384 1.33 -7.33 0.07
N ASN B 385 2.55 -7.11 -0.41
CA ASN B 385 2.75 -6.57 -1.73
C ASN B 385 2.40 -7.52 -2.85
N SER B 386 2.77 -8.79 -2.65
CA SER B 386 2.36 -9.86 -3.53
C SER B 386 0.87 -9.81 -3.78
N ILE B 387 0.11 -9.73 -2.70
CA ILE B 387 -1.31 -9.80 -2.79
C ILE B 387 -1.85 -8.58 -3.53
N LYS B 388 -1.32 -7.41 -3.18
CA LYS B 388 -1.70 -6.17 -3.86
C LYS B 388 -1.51 -6.26 -5.37
N LYS B 389 -0.34 -6.72 -5.78
CA LYS B 389 -0.01 -6.79 -7.18
C LYS B 389 -0.89 -7.75 -7.97
N MET B 390 -1.71 -8.54 -7.29
CA MET B 390 -2.52 -9.57 -7.95
C MET B 390 -3.98 -9.16 -8.11
N GLN B 391 -4.28 -7.90 -7.88
CA GLN B 391 -5.67 -7.39 -7.89
C GLN B 391 -5.90 -6.50 -9.12
N LYS B 392 -7.07 -6.57 -9.72
CA LYS B 392 -7.32 -5.75 -10.92
C LYS B 392 -7.43 -4.26 -10.54
N LEU B 393 -6.91 -3.39 -11.39
CA LEU B 393 -7.22 -1.96 -11.32
C LEU B 393 -8.27 -1.59 -12.36
N PRO B 394 -9.21 -0.72 -11.99
CA PRO B 394 -9.19 -0.03 -10.73
C PRO B 394 -9.80 -0.88 -9.64
N MET B 395 -9.34 -0.72 -8.40
CA MET B 395 -10.02 -1.28 -7.23
C MET B 395 -11.33 -0.55 -6.92
N SER B 396 -12.23 -1.21 -6.19
CA SER B 396 -13.33 -0.54 -5.52
C SER B 396 -12.81 0.45 -4.45
N PRO B 397 -13.61 1.47 -4.12
CA PRO B 397 -13.12 2.32 -3.03
C PRO B 397 -12.79 1.52 -1.75
N GLU B 398 -13.69 0.64 -1.29
CA GLU B 398 -13.42 -0.19 -0.10
C GLU B 398 -12.03 -0.77 -0.16
N GLU B 399 -11.69 -1.39 -1.29
CA GLU B 399 -10.48 -2.16 -1.35
C GLU B 399 -9.23 -1.27 -1.36
N ALA B 400 -9.30 -0.15 -2.08
CA ALA B 400 -8.21 0.79 -2.02
C ALA B 400 -8.00 1.25 -0.57
N VAL B 401 -9.09 1.42 0.14
CA VAL B 401 -8.99 2.01 1.46
C VAL B 401 -8.28 1.04 2.39
N CYS B 402 -8.61 -0.24 2.26
CA CYS B 402 -8.10 -1.26 3.15
C CYS B 402 -6.65 -1.59 2.81
N SER B 403 -6.42 -1.86 1.54
CA SER B 403 -5.11 -1.99 1.00
C SER B 403 -4.21 -0.83 1.48
N SER B 404 -4.75 0.39 1.52
CA SER B 404 -3.93 1.58 1.80
C SER B 404 -3.73 1.78 3.29
N ALA B 405 -4.73 1.41 4.07
CA ALA B 405 -4.57 1.35 5.51
C ALA B 405 -3.37 0.46 5.88
N VAL B 406 -3.37 -0.75 5.32
CA VAL B 406 -2.29 -1.68 5.59
C VAL B 406 -0.96 -1.09 5.12
N ASN B 407 -0.99 -0.43 3.98
CA ASN B 407 0.15 0.29 3.51
C ASN B 407 0.64 1.26 4.59
N SER B 408 -0.30 1.96 5.22
CA SER B 408 0.04 2.91 6.26
C SER B 408 0.57 2.22 7.50
N VAL B 409 0.02 1.06 7.81
CA VAL B 409 0.55 0.28 8.92
C VAL B 409 2.07 0.08 8.81
N TYR B 410 2.55 -0.37 7.64
CA TYR B 410 3.96 -0.62 7.43
C TYR B 410 4.75 0.66 7.47
N GLU B 411 4.17 1.73 6.92
CA GLU B 411 4.90 3.00 6.82
C GLU B 411 5.17 3.65 8.19
N VAL B 412 4.28 3.43 9.16
CA VAL B 412 4.44 4.06 10.44
C VAL B 412 4.70 3.04 11.55
N ARG B 413 4.91 1.79 11.15
CA ARG B 413 5.02 0.69 12.12
C ARG B 413 3.90 0.80 13.14
N ALA B 414 2.67 0.86 12.66
CA ALA B 414 1.52 1.02 13.55
C ALA B 414 1.38 -0.19 14.46
N LYS B 415 0.82 0.02 15.63
CA LYS B 415 0.72 -1.06 16.61
C LYS B 415 -0.58 -1.82 16.56
N ALA B 416 -1.54 -1.29 15.79
CA ALA B 416 -2.81 -1.96 15.57
C ALA B 416 -3.60 -1.23 14.50
N LEU B 417 -4.42 -1.97 13.78
CA LEU B 417 -5.27 -1.43 12.73
C LEU B 417 -6.72 -1.72 13.11
N LEU B 418 -7.52 -0.67 13.24
CA LEU B 418 -8.92 -0.80 13.67
C LEU B 418 -9.84 -0.59 12.48
N VAL B 419 -10.79 -1.49 12.31
CA VAL B 419 -11.74 -1.35 11.21
C VAL B 419 -13.14 -1.62 11.73
N LEU B 420 -14.10 -0.78 11.34
CA LEU B 420 -15.49 -0.99 11.76
C LEU B 420 -16.20 -1.83 10.73
N SER B 421 -16.74 -2.96 11.17
CA SER B 421 -17.35 -3.85 10.25
C SER B 421 -18.53 -4.50 10.91
N ASN B 422 -19.67 -4.42 10.26
CA ASN B 422 -20.85 -5.12 10.76
C ASN B 422 -21.02 -6.53 10.19
N SER B 423 -20.86 -6.68 8.87
CA SER B 423 -20.92 -8.00 8.25
C SER B 423 -19.64 -8.80 8.48
N GLY B 424 -18.54 -8.12 8.77
CA GLY B 424 -17.25 -8.74 8.69
C GLY B 424 -16.61 -8.57 7.33
N ARG B 425 -17.39 -8.16 6.33
CA ARG B 425 -16.83 -7.92 5.02
C ARG B 425 -15.55 -7.07 5.08
N SER B 426 -15.58 -5.94 5.80
CA SER B 426 -14.45 -5.03 5.81
C SER B 426 -13.27 -5.56 6.61
N ALA B 427 -13.57 -6.35 7.64
CA ALA B 427 -12.49 -6.95 8.42
C ALA B 427 -11.73 -7.95 7.58
N ARG B 428 -12.44 -8.75 6.81
CA ARG B 428 -11.80 -9.75 5.97
C ARG B 428 -10.97 -9.08 4.86
N LEU B 429 -11.44 -7.91 4.44
CA LEU B 429 -10.80 -7.17 3.36
C LEU B 429 -9.56 -6.42 3.88
N ALA B 430 -9.59 -6.00 5.14
CA ALA B 430 -8.38 -5.55 5.80
C ALA B 430 -7.39 -6.71 5.94
N SER B 431 -7.83 -7.82 6.53
CA SER B 431 -6.92 -8.93 6.81
C SER B 431 -6.33 -9.49 5.54
N LYS B 432 -7.08 -9.35 4.45
CA LYS B 432 -6.62 -9.74 3.13
C LYS B 432 -5.22 -9.27 2.83
N TYR B 433 -4.88 -8.07 3.29
CA TYR B 433 -3.65 -7.42 2.88
C TYR B 433 -2.52 -7.63 3.89
N ARG B 434 -2.77 -8.54 4.83
CA ARG B 434 -1.71 -9.12 5.60
C ARG B 434 -0.84 -8.04 6.30
N PRO B 435 -1.48 -7.21 7.14
CA PRO B 435 -0.68 -6.36 7.98
C PRO B 435 0.08 -7.18 9.01
N ASP B 436 1.14 -6.61 9.58
CA ASP B 436 1.94 -7.31 10.60
C ASP B 436 1.60 -6.81 12.01
N CYS B 437 0.37 -6.38 12.21
CA CYS B 437 -0.08 -6.02 13.54
C CYS B 437 -1.47 -6.56 13.76
N PRO B 438 -1.91 -6.62 15.02
CA PRO B 438 -3.30 -7.03 15.30
C PRO B 438 -4.30 -6.16 14.57
N ILE B 439 -5.38 -6.78 14.09
CA ILE B 439 -6.52 -6.02 13.58
C ILE B 439 -7.65 -6.08 14.59
N ILE B 440 -8.08 -4.92 15.08
CA ILE B 440 -9.30 -4.87 15.90
C ILE B 440 -10.51 -4.61 15.01
N CYS B 441 -11.57 -5.39 15.22
CA CYS B 441 -12.81 -5.14 14.54
C CYS B 441 -13.91 -4.87 15.52
N ALA B 442 -14.35 -3.62 15.57
CA ALA B 442 -15.57 -3.24 16.27
C ALA B 442 -16.78 -3.60 15.44
N THR B 443 -17.62 -4.46 15.97
CA THR B 443 -18.74 -4.94 15.23
C THR B 443 -19.99 -4.83 16.07
N THR B 444 -21.09 -4.53 15.41
CA THR B 444 -22.35 -4.44 16.06
C THR B 444 -23.08 -5.77 16.06
N ARG B 445 -22.48 -6.80 15.48
CA ARG B 445 -23.11 -8.12 15.50
C ARG B 445 -22.26 -9.14 16.22
N MET B 446 -22.85 -9.75 17.23
CA MET B 446 -22.22 -10.81 17.96
C MET B 446 -21.77 -11.93 17.02
N ARG B 447 -22.55 -12.22 15.99
CA ARG B 447 -22.22 -13.32 15.09
C ARG B 447 -20.94 -13.05 14.34
N THR B 448 -20.76 -11.81 13.95
CA THR B 448 -19.56 -11.42 13.25
C THR B 448 -18.31 -11.64 14.12
N CYS B 449 -18.39 -11.32 15.42
CA CYS B 449 -17.28 -11.63 16.34
C CYS B 449 -16.85 -13.07 16.15
N ARG B 450 -17.84 -13.96 16.08
CA ARG B 450 -17.58 -15.37 16.08
C ARG B 450 -17.12 -15.87 14.71
N GLN B 451 -17.65 -15.28 13.64
CA GLN B 451 -17.20 -15.66 12.29
C GLN B 451 -15.79 -15.15 11.92
N LEU B 452 -15.33 -14.11 12.58
CA LEU B 452 -14.02 -13.57 12.29
C LEU B 452 -12.91 -14.37 12.94
N THR B 453 -13.28 -15.43 13.67
CA THR B 453 -12.28 -16.27 14.30
C THR B 453 -11.47 -17.13 13.32
N ILE B 454 -11.84 -17.14 12.05
CA ILE B 454 -11.05 -17.89 11.05
C ILE B 454 -10.26 -16.95 10.15
N THR B 455 -10.19 -15.68 10.53
CA THR B 455 -9.51 -14.68 9.73
C THR B 455 -8.23 -14.18 10.42
N ARG B 456 -7.09 -14.37 9.75
CA ARG B 456 -5.79 -13.96 10.32
C ARG B 456 -5.84 -12.54 10.93
N SER B 457 -5.38 -12.42 12.18
CA SER B 457 -4.99 -11.15 12.76
C SER B 457 -6.10 -10.47 13.53
N VAL B 458 -7.33 -10.96 13.37
CA VAL B 458 -8.50 -10.23 13.88
C VAL B 458 -8.85 -10.57 15.31
N ASP B 459 -9.05 -9.52 16.10
CA ASP B 459 -9.73 -9.62 17.39
C ASP B 459 -10.98 -8.75 17.31
N ALA B 460 -12.14 -9.36 17.61
CA ALA B 460 -13.37 -8.66 17.47
C ALA B 460 -13.88 -8.21 18.85
N VAL B 461 -14.40 -6.99 18.90
CA VAL B 461 -15.09 -6.52 20.07
C VAL B 461 -16.52 -6.14 19.67
N PHE B 462 -17.48 -6.36 20.59
CA PHE B 462 -18.92 -6.17 20.30
C PHE B 462 -19.46 -4.83 20.74
N TYR B 463 -20.08 -4.09 19.82
CA TYR B 463 -20.72 -2.81 20.19
C TYR B 463 -22.23 -2.95 20.24
N ASP B 464 -22.79 -2.88 21.43
CA ASP B 464 -24.23 -3.06 21.60
C ASP B 464 -24.99 -1.80 21.20
N ALA B 465 -25.36 -1.71 19.94
CA ALA B 465 -26.01 -0.50 19.40
C ALA B 465 -27.38 -0.23 20.04
N GLU B 466 -28.17 -1.28 20.26
CA GLU B 466 -29.50 -1.15 20.88
C GLU B 466 -29.37 -0.48 22.24
N ARG B 467 -28.29 -0.79 22.92
CA ARG B 467 -28.10 -0.35 24.28
C ARG B 467 -27.30 0.95 24.40
N TYR B 468 -26.60 1.36 23.34
CA TYR B 468 -25.76 2.56 23.42
C TYR B 468 -25.99 3.63 22.33
N GLY B 469 -26.67 3.26 21.25
CA GLY B 469 -27.06 4.25 20.23
C GLY B 469 -26.42 4.11 18.86
N GLU B 470 -26.90 4.92 17.90
CA GLU B 470 -26.62 4.74 16.45
C GLU B 470 -25.15 4.81 16.11
N ASP B 471 -24.43 5.66 16.84
CA ASP B 471 -23.04 5.92 16.57
C ASP B 471 -22.76 6.19 15.09
N GLU B 472 -23.54 7.09 14.48
CA GLU B 472 -23.22 7.58 13.13
C GLU B 472 -21.87 8.35 13.10
N ASN B 473 -21.54 8.97 14.22
CA ASN B 473 -20.18 9.47 14.51
C ASN B 473 -19.08 8.47 14.25
N LYS B 474 -19.29 7.26 14.75
CA LYS B 474 -18.24 6.28 14.83
C LYS B 474 -17.36 6.41 16.07
N GLU B 475 -17.43 7.55 16.77
CA GLU B 475 -16.59 7.77 17.98
C GLU B 475 -16.72 6.67 19.02
N LYS B 476 -17.95 6.22 19.27
CA LYS B 476 -18.15 5.21 20.31
C LYS B 476 -17.51 3.88 19.95
N ARG B 477 -17.63 3.47 18.69
CA ARG B 477 -16.99 2.25 18.23
C ARG B 477 -15.46 2.38 18.09
N VAL B 478 -15.01 3.53 17.61
CA VAL B 478 -13.59 3.80 17.60
C VAL B 478 -12.98 3.74 19.01
N GLN B 479 -13.66 4.35 20.00
CA GLN B 479 -13.17 4.28 21.38
C GLN B 479 -13.17 2.84 21.87
N LEU B 480 -14.24 2.13 21.57
CA LEU B 480 -14.36 0.76 22.00
C LEU B 480 -13.19 -0.06 21.49
N GLY B 481 -12.91 0.08 20.20
CA GLY B 481 -11.79 -0.62 19.57
C GLY B 481 -10.46 -0.29 20.18
N VAL B 482 -10.17 1.00 20.35
CA VAL B 482 -8.94 1.44 21.00
C VAL B 482 -8.80 0.80 22.39
N ASP B 483 -9.91 0.77 23.15
CA ASP B 483 -9.89 0.21 24.51
C ASP B 483 -9.66 -1.30 24.49
N CYS B 484 -10.08 -1.90 23.40
CA CYS B 484 -9.90 -3.32 23.25
C CYS B 484 -8.44 -3.60 22.96
N ALA B 485 -7.82 -2.72 22.19
CA ALA B 485 -6.41 -2.85 21.89
C ALA B 485 -5.57 -2.65 23.14
N LYS B 486 -6.04 -1.76 24.01
CA LYS B 486 -5.38 -1.49 25.28
C LYS B 486 -5.48 -2.67 26.22
N LYS B 487 -6.70 -3.18 26.42
CA LYS B 487 -6.91 -4.36 27.24
C LYS B 487 -6.06 -5.54 26.76
N LYS B 488 -5.86 -5.66 25.46
CA LYS B 488 -5.18 -6.81 24.92
C LYS B 488 -3.66 -6.65 25.06
N GLY B 489 -3.21 -5.44 25.39
CA GLY B 489 -1.79 -5.16 25.59
C GLY B 489 -1.08 -4.80 24.30
N TYR B 490 -1.83 -4.34 23.29
CA TYR B 490 -1.24 -3.97 22.01
C TYR B 490 -0.77 -2.55 22.01
N VAL B 491 -1.47 -1.69 22.76
CA VAL B 491 -1.17 -0.25 22.69
C VAL B 491 -1.21 0.47 24.01
N VAL B 492 -0.46 1.54 24.07
CA VAL B 492 -0.51 2.45 25.19
C VAL B 492 -0.55 3.89 24.68
N PRO B 493 -0.97 4.84 25.53
CA PRO B 493 -0.97 6.23 25.09
C PRO B 493 0.33 6.61 24.46
N GLY B 494 0.26 7.21 23.27
CA GLY B 494 1.45 7.54 22.50
C GLY B 494 1.62 6.76 21.19
N ASP B 495 1.11 5.51 21.15
CA ASP B 495 1.24 4.61 19.97
C ASP B 495 0.37 5.04 18.80
N LEU B 496 0.80 4.67 17.58
CA LEU B 496 0.02 4.97 16.40
C LEU B 496 -0.89 3.82 16.05
N MET B 497 -2.12 4.15 15.67
CA MET B 497 -3.03 3.18 15.10
C MET B 497 -3.50 3.64 13.73
N VAL B 498 -3.91 2.70 12.90
CA VAL B 498 -4.62 3.03 11.69
C VAL B 498 -6.08 2.61 11.84
N VAL B 499 -6.98 3.53 11.49
CA VAL B 499 -8.41 3.35 11.69
C VAL B 499 -9.16 3.43 10.35
N VAL B 500 -10.06 2.47 10.13
CA VAL B 500 -10.81 2.35 8.85
C VAL B 500 -12.32 2.25 9.10
N HIS B 501 -13.05 3.26 8.60
CA HIS B 501 -14.51 3.22 8.52
C HIS B 501 -14.97 4.23 7.49
N ALA B 502 -16.24 4.65 7.55
CA ALA B 502 -16.77 5.60 6.55
C ALA B 502 -16.72 7.05 7.04
N ASP B 503 -16.74 8.01 6.11
CA ASP B 503 -17.04 9.42 6.45
C ASP B 503 -18.50 9.61 6.90
N HIS B 504 -18.92 10.83 7.18
CA HIS B 504 -20.28 11.04 7.73
C HIS B 504 -21.39 10.72 6.75
N LYS B 505 -21.07 10.75 5.46
CA LYS B 505 -22.06 10.66 4.41
C LYS B 505 -22.26 9.22 3.89
N VAL B 506 -21.15 8.51 3.67
CA VAL B 506 -21.16 7.23 2.94
C VAL B 506 -21.67 6.05 3.80
N LYS B 507 -22.51 5.21 3.21
CA LYS B 507 -23.13 4.08 3.92
C LYS B 507 -22.94 2.80 3.15
N GLY B 508 -22.66 1.71 3.85
CA GLY B 508 -22.60 0.40 3.22
C GLY B 508 -21.19 -0.13 3.06
N TYR B 509 -20.20 0.76 3.15
CA TYR B 509 -18.79 0.37 3.02
C TYR B 509 -17.89 1.48 3.50
N PRO B 510 -16.64 1.13 3.90
CA PRO B 510 -15.66 2.13 4.38
C PRO B 510 -15.00 2.86 3.21
N ASN B 511 -14.83 4.17 3.34
CA ASN B 511 -14.17 4.97 2.29
C ASN B 511 -13.11 5.91 2.87
N GLN B 512 -12.68 5.63 4.11
CA GLN B 512 -11.87 6.58 4.89
C GLN B 512 -10.81 5.87 5.73
N THR B 513 -9.64 6.52 5.85
CA THR B 513 -8.51 6.00 6.59
C THR B 513 -7.96 7.13 7.48
N ARG B 514 -7.73 6.83 8.76
CA ARG B 514 -7.13 7.79 9.67
C ARG B 514 -5.95 7.18 10.39
N ILE B 515 -4.89 7.98 10.56
CA ILE B 515 -3.79 7.60 11.44
C ILE B 515 -3.86 8.48 12.70
N ILE B 516 -4.02 7.83 13.87
CA ILE B 516 -4.20 8.57 15.12
C ILE B 516 -3.15 8.18 16.16
N TYR B 517 -2.94 9.07 17.14
CA TYR B 517 -2.19 8.72 18.34
C TYR B 517 -3.17 8.25 19.38
N VAL B 518 -2.80 7.22 20.12
CA VAL B 518 -3.67 6.68 21.15
C VAL B 518 -3.63 7.58 22.41
N SER B 519 -4.78 8.13 22.78
CA SER B 519 -4.91 8.96 24.00
C SER B 519 -5.10 8.11 25.23
#